data_2XNA
#
_entry.id   2XNA
#
_cell.length_a   182.692
_cell.length_b   49.980
_cell.length_c   132.834
_cell.angle_alpha   90.00
_cell.angle_beta   131.61
_cell.angle_gamma   90.00
#
_symmetry.space_group_name_H-M   'C 1 2 1'
#
loop_
_entity.id
_entity.type
_entity.pdbx_description
1 polymer 'T CELL RECEPTOR ALPHA CHAIN C REGION'
2 polymer 'T CELL RECEPTOR BETA-1 CHAIN C REGION'
3 polymer 'ENTEROTOXIN H'
4 non-polymer GLYCEROL
5 non-polymer 'SODIUM ION'
6 water water
#
loop_
_entity_poly.entity_id
_entity_poly.type
_entity_poly.pdbx_seq_one_letter_code
_entity_poly.pdbx_strand_id
1 'polypeptide(L)'
;MQLLEQSPQFLSIQEGENLTVYCNSSSVFSSLQWYRQEPGEGPVLLVTVVTGGEVKKLKRLTFQFGDARKDSSLHITAAQ
PGDTGLYLCAGAGSQGNLIFGKGTKLSVKPNIQNPDPAVYQLRDSKSSDKSVCLFTDFDSQTNVSQSKDSDVYITDKCVL
DMRSMDFKSNSAVAWSNKSDFACANAFNNSIIPEDTFFPSPESS
;
A
2 'polypeptide(L)'
;MVDGGITQSPKYLFRKEGQNVTLSCEQNLNHDAMYWYRQDPGQGLRLIYYSQIVNDFQKGDIAEGYSVSREKKESFPLTV
TSAQKNPTAFYLCASSSRSSYEQYFGPGTRLTVTEDLKNVFPPEVAVFEPSEAEISHTQKATLVCLATGFYPDHVELSWW
VNGKEVHSGVCTDPQPLKEQPALNDSRYSLSSRLRVSATFWQNPRNHFRCQVQFYGLSENDEWTQDRAKPVTQIVSAEAW
GRAD
;
B
3 'polypeptide(L)'
;EDLHDKSELTDLALANAYGQYNHPFIKENIKSDEISGEKDLIFRNQGDSGNDLRVKFATADLAQKFKNKNVDIYGASFYY
KCEKISENISECLYGGTTLNSEKLAQERVIGANVWVDGIQKETELIRTNKKNVTLQELDIKIRKILSDKYKIYYKDSEIS
KGLIEFDMKTPRDYSFDIYDLKGENDYEIDKIYEDNKTLKSDDISHIDVNLYTKKKV
;
C
#
# COMPACT_ATOMS: atom_id res chain seq x y z
N GLN A 2 -5.23 18.17 8.56
CA GLN A 2 -5.12 16.72 8.91
C GLN A 2 -3.80 16.16 8.39
N LEU A 3 -2.98 15.65 9.31
CA LEU A 3 -1.61 15.28 8.97
C LEU A 3 -1.14 13.94 9.54
N LEU A 4 -0.39 13.21 8.70
CA LEU A 4 0.14 11.93 9.07
C LEU A 4 1.66 11.91 8.86
N GLU A 5 2.41 11.82 9.96
CA GLU A 5 3.88 11.85 9.94
C GLU A 5 4.45 10.43 10.00
N GLN A 6 5.44 10.15 9.17
CA GLN A 6 6.12 8.84 9.17
C GLN A 6 7.62 8.94 9.48
N SER A 7 8.12 8.07 10.33
CA SER A 7 9.55 8.01 10.57
C SER A 7 9.99 6.57 10.66
N PRO A 8 11.25 6.27 10.29
CA PRO A 8 12.23 7.18 9.66
C PRO A 8 11.83 7.37 8.21
N GLN A 9 12.26 8.47 7.60
CA GLN A 9 11.89 8.77 6.22
C GLN A 9 12.63 7.86 5.26
N PHE A 10 13.84 7.48 5.65
CA PHE A 10 14.73 6.69 4.81
C PHE A 10 15.38 5.73 5.78
N LEU A 11 15.45 4.46 5.41
CA LEU A 11 16.08 3.47 6.23
C LEU A 11 16.84 2.50 5.34
N SER A 12 18.13 2.36 5.62
CA SER A 12 18.94 1.34 4.98
C SER A 12 19.41 0.37 6.04
N ILE A 13 19.18 -0.91 5.82
CA ILE A 13 19.60 -1.90 6.79
C ILE A 13 20.04 -3.18 6.12
N GLN A 14 20.76 -3.99 6.89
N GLN A 14 20.75 -4.00 6.88
CA GLN A 14 21.31 -5.25 6.42
CA GLN A 14 21.30 -5.23 6.38
C GLN A 14 20.25 -6.34 6.47
C GLN A 14 20.28 -6.35 6.48
N GLU A 15 20.26 -7.22 5.47
CA GLU A 15 19.49 -8.45 5.52
C GLU A 15 19.63 -9.14 6.89
N GLY A 16 18.50 -9.52 7.48
CA GLY A 16 18.51 -10.26 8.72
C GLY A 16 18.18 -9.43 9.92
N GLU A 17 18.30 -8.12 9.81
CA GLU A 17 18.00 -7.25 10.93
C GLU A 17 16.48 -7.00 11.05
N ASN A 18 16.07 -6.57 12.24
CA ASN A 18 14.72 -6.13 12.49
C ASN A 18 14.67 -4.64 12.37
N LEU A 19 13.47 -4.13 12.08
CA LEU A 19 13.27 -2.70 11.97
C LEU A 19 11.83 -2.38 12.37
N THR A 20 11.57 -1.10 12.64
CA THR A 20 10.26 -0.63 13.03
C THR A 20 10.06 0.69 12.33
N VAL A 21 8.96 0.82 11.61
CA VAL A 21 8.59 2.11 11.07
C VAL A 21 7.31 2.57 11.79
N TYR A 22 7.12 3.88 11.83
CA TYR A 22 6.19 4.50 12.74
C TYR A 22 5.41 5.56 11.98
N CYS A 23 4.12 5.66 12.28
CA CYS A 23 3.22 6.59 11.65
C CYS A 23 2.40 7.24 12.78
N ASN A 24 2.43 8.57 12.88
CA ASN A 24 1.66 9.26 13.94
C ASN A 24 0.98 10.58 13.57
N SER A 25 -0.04 10.92 14.36
CA SER A 25 -0.89 12.07 14.08
C SER A 25 -1.32 12.69 15.39
N SER A 26 -1.95 13.85 15.32
CA SER A 26 -2.64 14.42 16.48
C SER A 26 -4.15 14.12 16.32
N SER A 27 -4.52 13.70 15.11
CA SER A 27 -5.86 13.28 14.75
C SER A 27 -6.16 11.82 15.07
N VAL A 28 -7.44 11.55 15.38
CA VAL A 28 -7.95 10.21 15.62
C VAL A 28 -8.37 9.58 14.29
N PHE A 29 -8.13 8.27 14.13
CA PHE A 29 -8.50 7.56 12.91
C PHE A 29 -9.36 6.33 13.20
N SER A 30 -10.41 6.14 12.41
CA SER A 30 -11.27 4.98 12.56
C SER A 30 -10.61 3.74 11.93
N SER A 31 -9.75 3.98 10.93
CA SER A 31 -8.91 2.94 10.37
C SER A 31 -7.56 3.48 9.88
N LEU A 32 -6.59 2.57 9.74
CA LEU A 32 -5.29 2.89 9.21
C LEU A 32 -4.81 1.75 8.28
N GLN A 33 -4.31 2.14 7.11
CA GLN A 33 -3.80 1.20 6.11
C GLN A 33 -2.29 1.35 5.94
N TRP A 34 -1.59 0.25 5.65
CA TRP A 34 -0.21 0.30 5.18
C TRP A 34 -0.13 -0.28 3.78
N TYR A 35 0.73 0.35 2.96
CA TYR A 35 1.00 -0.07 1.60
C TYR A 35 2.50 -0.19 1.36
N ARG A 36 2.87 -1.01 0.39
N ARG A 36 2.91 -1.08 0.47
CA ARG A 36 4.23 -1.13 -0.10
CA ARG A 36 4.26 -1.03 -0.07
C ARG A 36 4.25 -0.78 -1.60
C ARG A 36 4.17 -0.67 -1.55
N GLN A 37 5.05 0.21 -1.99
CA GLN A 37 5.10 0.57 -3.41
C GLN A 37 6.50 0.42 -4.02
N GLU A 38 6.57 -0.20 -5.20
CA GLU A 38 7.80 -0.25 -5.99
C GLU A 38 7.79 0.95 -6.96
N PRO A 39 8.98 1.52 -7.25
CA PRO A 39 9.06 2.69 -8.14
C PRO A 39 8.27 2.47 -9.46
N GLY A 40 7.47 3.46 -9.85
CA GLY A 40 6.72 3.37 -11.11
C GLY A 40 5.64 2.30 -11.12
N GLU A 41 5.19 1.89 -9.94
CA GLU A 41 4.11 0.89 -9.86
C GLU A 41 3.05 1.32 -8.85
N GLY A 42 1.94 0.60 -8.83
CA GLY A 42 0.84 0.93 -7.91
C GLY A 42 1.16 0.45 -6.50
N PRO A 43 0.93 1.30 -5.48
CA PRO A 43 1.05 0.86 -4.08
C PRO A 43 0.24 -0.40 -3.85
N VAL A 44 0.77 -1.35 -3.07
CA VAL A 44 0.08 -2.62 -2.79
C VAL A 44 -0.41 -2.62 -1.35
N LEU A 45 -1.70 -2.88 -1.13
CA LEU A 45 -2.24 -2.87 0.22
C LEU A 45 -1.66 -4.02 1.01
N LEU A 46 -1.09 -3.72 2.18
CA LEU A 46 -0.56 -4.74 3.08
C LEU A 46 -1.56 -5.14 4.16
N VAL A 47 -2.19 -4.16 4.81
CA VAL A 47 -3.09 -4.40 5.96
C VAL A 47 -4.02 -3.19 6.17
N THR A 48 -5.16 -3.44 6.82
CA THR A 48 -5.98 -2.39 7.45
C THR A 48 -6.19 -2.72 8.89
N VAL A 49 -5.94 -1.78 9.78
CA VAL A 49 -6.18 -2.00 11.20
C VAL A 49 -7.34 -1.07 11.53
N VAL A 50 -8.30 -1.55 12.33
CA VAL A 50 -9.59 -0.84 12.55
C VAL A 50 -10.01 -0.65 14.01
N THR A 51 -9.25 -1.24 14.94
CA THR A 51 -9.55 -1.15 16.36
C THR A 51 -8.33 -0.71 17.13
N GLY A 52 -8.50 0.32 17.98
CA GLY A 52 -7.44 0.83 18.86
C GLY A 52 -6.82 -0.32 19.62
N GLY A 53 -5.49 -0.37 19.64
CA GLY A 53 -4.77 -1.51 20.23
C GLY A 53 -4.70 -2.80 19.43
N GLU A 54 -5.28 -2.84 18.23
CA GLU A 54 -5.19 -4.01 17.37
C GLU A 54 -3.72 -4.35 17.04
N VAL A 55 -3.38 -5.64 17.01
CA VAL A 55 -2.11 -6.14 16.51
C VAL A 55 -2.44 -7.20 15.48
N LYS A 56 -1.84 -7.08 14.30
CA LYS A 56 -2.05 -8.04 13.25
C LYS A 56 -0.68 -8.51 12.76
N LYS A 57 -0.56 -9.81 12.56
CA LYS A 57 0.70 -10.42 12.12
C LYS A 57 0.47 -11.09 10.80
N LEU A 58 1.21 -10.67 9.79
CA LEU A 58 1.22 -11.34 8.49
C LEU A 58 2.67 -11.73 8.16
N LYS A 59 2.98 -13.01 8.38
CA LYS A 59 4.35 -13.54 8.25
C LYS A 59 5.40 -12.72 9.03
N ARG A 60 6.41 -12.18 8.36
CA ARG A 60 7.45 -11.37 9.04
C ARG A 60 6.99 -9.96 9.47
N LEU A 61 5.84 -9.50 8.95
CA LEU A 61 5.32 -8.17 9.26
C LEU A 61 4.35 -8.19 10.45
N THR A 62 4.55 -7.27 11.38
CA THR A 62 3.64 -7.09 12.50
C THR A 62 3.16 -5.64 12.53
N PHE A 63 1.85 -5.44 12.45
CA PHE A 63 1.24 -4.11 12.46
C PHE A 63 0.51 -3.88 13.76
N GLN A 64 0.60 -2.66 14.29
CA GLN A 64 -0.08 -2.29 15.53
C GLN A 64 -0.74 -0.93 15.42
N PHE A 65 -2.02 -0.89 15.81
CA PHE A 65 -2.79 0.35 15.92
C PHE A 65 -2.66 0.83 17.36
N GLY A 66 -2.29 2.10 17.55
CA GLY A 66 -2.21 2.70 18.88
C GLY A 66 -3.53 2.61 19.65
N ASP A 67 -3.40 2.55 20.97
CA ASP A 67 -4.52 2.45 21.89
C ASP A 67 -5.48 3.65 21.77
N ALA A 68 -4.93 4.82 21.45
CA ALA A 68 -5.72 6.03 21.28
C ALA A 68 -6.04 6.34 19.81
N ARG A 69 -5.79 5.38 18.93
CA ARG A 69 -6.14 5.56 17.51
C ARG A 69 -5.35 6.68 16.82
N LYS A 70 -4.24 7.10 17.40
CA LYS A 70 -3.50 8.27 16.86
C LYS A 70 -2.23 7.90 16.11
N ASP A 71 -1.84 6.63 16.21
CA ASP A 71 -0.61 6.14 15.59
C ASP A 71 -0.68 4.65 15.28
N SER A 72 0.34 4.19 14.56
CA SER A 72 0.49 2.81 14.17
C SER A 72 1.93 2.53 13.91
N SER A 73 2.32 1.28 14.08
CA SER A 73 3.65 0.88 13.63
C SER A 73 3.65 -0.43 12.83
N LEU A 74 4.67 -0.54 11.98
CA LEU A 74 4.95 -1.70 11.19
C LEU A 74 6.33 -2.17 11.61
N HIS A 75 6.41 -3.43 11.96
CA HIS A 75 7.63 -4.04 12.46
C HIS A 75 7.96 -5.16 11.50
N ILE A 76 9.17 -5.13 10.98
CA ILE A 76 9.61 -6.21 10.12
C ILE A 76 10.68 -6.97 10.85
N THR A 77 10.54 -8.29 10.89
N THR A 77 10.53 -8.29 10.86
CA THR A 77 11.59 -9.11 11.47
CA THR A 77 11.52 -9.18 11.43
C THR A 77 12.31 -9.87 10.37
C THR A 77 12.34 -9.79 10.30
N ALA A 78 13.60 -10.13 10.59
CA ALA A 78 14.44 -10.85 9.60
C ALA A 78 14.38 -10.23 8.21
N ALA A 79 14.67 -8.92 8.11
CA ALA A 79 14.52 -8.20 6.82
C ALA A 79 15.16 -8.93 5.64
N GLN A 80 14.46 -8.93 4.51
CA GLN A 80 14.94 -9.55 3.26
C GLN A 80 15.08 -8.48 2.19
N PRO A 81 16.02 -8.66 1.24
CA PRO A 81 16.18 -7.72 0.11
C PRO A 81 14.87 -7.39 -0.63
N GLY A 82 14.01 -8.38 -0.79
CA GLY A 82 12.68 -8.16 -1.40
C GLY A 82 11.74 -7.25 -0.61
N ASP A 83 12.08 -6.94 0.64
CA ASP A 83 11.30 -5.96 1.41
C ASP A 83 11.55 -4.52 1.01
N THR A 84 12.61 -4.30 0.22
CA THR A 84 12.96 -2.99 -0.27
C THR A 84 11.77 -2.31 -0.98
N GLY A 85 11.48 -1.06 -0.62
CA GLY A 85 10.36 -0.35 -1.22
C GLY A 85 9.93 0.83 -0.39
N LEU A 86 8.92 1.56 -0.89
CA LEU A 86 8.32 2.68 -0.16
C LEU A 86 7.12 2.21 0.65
N TYR A 87 7.21 2.34 1.98
CA TYR A 87 6.14 1.95 2.89
C TYR A 87 5.28 3.15 3.28
N LEU A 88 4.03 3.17 2.86
CA LEU A 88 3.15 4.32 3.08
C LEU A 88 2.08 3.94 4.08
N CYS A 89 1.83 4.79 5.06
CA CYS A 89 0.67 4.61 5.94
C CYS A 89 -0.41 5.61 5.54
N ALA A 90 -1.67 5.23 5.72
CA ALA A 90 -2.78 6.06 5.29
C ALA A 90 -3.91 5.93 6.28
N GLY A 91 -4.56 7.04 6.60
CA GLY A 91 -5.63 7.01 7.57
C GLY A 91 -6.94 7.48 6.99
N ALA A 92 -8.03 6.87 7.45
CA ALA A 92 -9.37 7.30 7.10
C ALA A 92 -9.55 8.81 7.39
N GLY A 93 -9.78 9.59 6.35
CA GLY A 93 -9.99 11.05 6.49
C GLY A 93 -11.44 11.44 6.82
N SER A 94 -11.69 12.72 7.04
CA SER A 94 -13.03 13.17 7.43
C SER A 94 -13.95 13.54 6.26
N GLN A 95 -13.39 13.70 5.06
CA GLN A 95 -14.22 14.13 3.94
C GLN A 95 -14.27 13.08 2.82
N GLY A 96 -14.57 11.84 3.17
CA GLY A 96 -14.61 10.74 2.18
C GLY A 96 -13.28 10.46 1.47
N ASN A 97 -12.16 10.67 2.19
CA ASN A 97 -10.79 10.56 1.64
C ASN A 97 -9.81 9.78 2.53
N LEU A 98 -8.60 9.49 2.01
CA LEU A 98 -7.50 8.95 2.83
C LEU A 98 -6.45 10.04 3.02
N ILE A 99 -5.82 10.05 4.19
CA ILE A 99 -4.73 10.99 4.49
C ILE A 99 -3.45 10.16 4.46
N PHE A 100 -2.48 10.53 3.64
CA PHE A 100 -1.30 9.68 3.41
C PHE A 100 -0.05 10.25 4.09
N GLY A 101 0.72 9.40 4.74
CA GLY A 101 2.08 9.78 5.17
C GLY A 101 3.01 9.94 3.96
N LYS A 102 4.19 10.51 4.17
CA LYS A 102 5.15 10.66 3.07
C LYS A 102 5.97 9.40 2.81
N GLY A 103 5.84 8.41 3.69
CA GLY A 103 6.50 7.12 3.50
C GLY A 103 7.83 6.97 4.23
N THR A 104 8.17 5.71 4.48
CA THR A 104 9.51 5.28 4.84
C THR A 104 10.04 4.55 3.63
N LYS A 105 11.15 5.05 3.09
CA LYS A 105 11.83 4.43 1.96
C LYS A 105 12.84 3.42 2.51
N LEU A 106 12.51 2.15 2.38
CA LEU A 106 13.33 1.09 2.94
C LEU A 106 14.21 0.45 1.86
N SER A 107 15.52 0.30 2.17
CA SER A 107 16.49 -0.46 1.34
C SER A 107 17.10 -1.54 2.20
N VAL A 108 16.94 -2.79 1.79
CA VAL A 108 17.50 -3.89 2.58
C VAL A 108 18.67 -4.46 1.75
N LYS A 109 19.88 -4.43 2.33
CA LYS A 109 21.08 -4.80 1.58
C LYS A 109 21.35 -6.30 1.69
N PRO A 110 21.61 -6.97 0.56
CA PRO A 110 21.86 -8.42 0.65
C PRO A 110 23.18 -8.74 1.32
N ASN A 111 23.19 -9.83 2.09
N ASN A 111 23.22 -9.85 2.06
CA ASN A 111 24.42 -10.40 2.58
CA ASN A 111 24.46 -10.34 2.62
C ASN A 111 25.22 -10.90 1.38
C ASN A 111 25.28 -11.03 1.55
N ILE A 112 26.47 -10.49 1.30
CA ILE A 112 27.39 -11.02 0.28
C ILE A 112 28.42 -11.93 0.96
N GLN A 113 28.42 -13.20 0.58
CA GLN A 113 29.19 -14.21 1.32
C GLN A 113 30.68 -14.07 1.13
N ASN A 114 31.10 -13.92 -0.13
CA ASN A 114 32.51 -13.95 -0.44
C ASN A 114 32.91 -12.79 -1.38
N PRO A 115 33.02 -11.57 -0.82
CA PRO A 115 33.26 -10.39 -1.67
C PRO A 115 34.65 -10.44 -2.28
N ASP A 116 34.80 -9.83 -3.44
CA ASP A 116 36.02 -9.88 -4.21
C ASP A 116 36.08 -8.59 -5.02
N PRO A 117 36.11 -7.44 -4.33
CA PRO A 117 35.94 -6.15 -4.98
C PRO A 117 36.99 -5.90 -6.07
N ALA A 118 36.54 -5.38 -7.22
CA ALA A 118 37.41 -5.17 -8.37
C ALA A 118 36.82 -4.10 -9.25
N VAL A 119 37.70 -3.39 -9.97
CA VAL A 119 37.28 -2.45 -10.99
C VAL A 119 37.86 -2.96 -12.29
N TYR A 120 36.97 -3.29 -13.24
CA TYR A 120 37.39 -3.76 -14.56
C TYR A 120 37.01 -2.79 -15.68
N GLN A 121 37.77 -2.83 -16.77
CA GLN A 121 37.44 -2.06 -17.97
C GLN A 121 36.80 -3.00 -18.99
N LEU A 122 35.69 -2.57 -19.58
CA LEU A 122 35.04 -3.32 -20.67
C LEU A 122 34.95 -2.44 -21.92
N ARG A 123 35.23 -3.03 -23.09
CA ARG A 123 35.18 -2.27 -24.35
C ARG A 123 33.90 -2.49 -25.15
N ASP A 124 33.48 -1.47 -25.90
CA ASP A 124 32.31 -1.54 -26.77
C ASP A 124 32.43 -2.67 -27.80
N SER A 125 31.28 -3.24 -28.18
CA SER A 125 31.21 -4.12 -29.36
C SER A 125 31.51 -3.37 -30.67
N LYS A 126 30.82 -2.25 -30.90
CA LYS A 126 30.96 -1.47 -32.12
C LYS A 126 32.22 -0.58 -32.15
N SER A 127 32.10 0.64 -31.61
CA SER A 127 33.10 1.75 -31.73
C SER A 127 34.55 1.40 -32.21
N SER A 128 35.46 0.88 -31.37
CA SER A 128 35.34 0.66 -29.92
C SER A 128 36.69 0.25 -29.33
N ASP A 129 37.52 1.18 -28.82
CA ASP A 129 37.36 2.65 -28.76
C ASP A 129 36.66 3.22 -27.51
N LYS A 130 35.32 3.19 -27.48
CA LYS A 130 34.56 3.64 -26.32
C LYS A 130 34.52 2.55 -25.24
N SER A 131 34.48 2.96 -23.97
CA SER A 131 34.46 1.98 -22.87
C SER A 131 33.69 2.41 -21.60
N VAL A 132 33.53 1.46 -20.69
CA VAL A 132 32.98 1.69 -19.34
C VAL A 132 33.87 1.04 -18.28
N CYS A 133 33.66 1.45 -17.03
CA CYS A 133 34.30 0.83 -15.89
C CYS A 133 33.23 0.22 -14.99
N LEU A 134 33.49 -1.00 -14.55
CA LEU A 134 32.59 -1.76 -13.72
C LEU A 134 33.30 -2.01 -12.39
N PHE A 135 32.76 -1.40 -11.34
CA PHE A 135 33.13 -1.71 -9.98
C PHE A 135 32.19 -2.85 -9.61
N THR A 136 32.74 -4.00 -9.20
CA THR A 136 31.90 -5.16 -8.96
C THR A 136 32.40 -6.03 -7.83
N ASP A 137 31.51 -6.89 -7.31
CA ASP A 137 31.83 -7.92 -6.30
C ASP A 137 32.16 -7.37 -4.90
N PHE A 138 31.85 -6.11 -4.64
CA PHE A 138 32.00 -5.54 -3.30
C PHE A 138 30.87 -6.01 -2.37
N ASP A 139 31.12 -6.02 -1.07
CA ASP A 139 30.04 -6.37 -0.17
C ASP A 139 29.19 -5.16 0.12
N SER A 140 28.10 -5.38 0.85
CA SER A 140 27.10 -4.36 0.98
C SER A 140 27.51 -3.26 1.98
N GLN A 141 28.64 -3.43 2.67
CA GLN A 141 29.19 -2.31 3.50
C GLN A 141 29.73 -1.16 2.65
N THR A 142 29.93 -1.39 1.35
CA THR A 142 30.42 -0.36 0.44
C THR A 142 29.27 0.40 -0.23
N ASN A 143 29.32 1.74 -0.16
CA ASN A 143 28.38 2.58 -0.89
C ASN A 143 29.06 3.19 -2.08
N VAL A 144 28.30 3.39 -3.15
CA VAL A 144 28.81 4.00 -4.36
C VAL A 144 28.27 5.43 -4.40
N SER A 145 29.19 6.39 -4.41
CA SER A 145 28.84 7.81 -4.48
C SER A 145 28.82 8.33 -5.92
N GLN A 146 28.06 9.40 -6.16
CA GLN A 146 28.04 10.04 -7.47
C GLN A 146 29.19 11.03 -7.59
N SER A 147 29.43 11.51 -8.81
CA SER A 147 30.46 12.53 -9.05
C SER A 147 29.88 13.94 -8.94
N LYS A 148 30.73 14.90 -8.54
CA LYS A 148 30.38 16.31 -8.60
C LYS A 148 30.64 16.88 -10.00
N ASP A 149 31.32 16.09 -10.83
CA ASP A 149 31.54 16.46 -12.24
C ASP A 149 30.40 15.90 -13.09
N SER A 150 29.63 16.81 -13.68
CA SER A 150 28.42 16.47 -14.42
C SER A 150 28.66 15.85 -15.81
N ASP A 151 29.92 15.73 -16.21
CA ASP A 151 30.29 14.93 -17.39
C ASP A 151 30.73 13.49 -17.07
N VAL A 152 30.74 13.14 -15.78
CA VAL A 152 31.07 11.78 -15.36
C VAL A 152 29.79 11.09 -14.89
N TYR A 153 29.50 9.94 -15.50
CA TYR A 153 28.27 9.24 -15.18
C TYR A 153 28.51 7.98 -14.37
N ILE A 154 27.81 7.89 -13.24
CA ILE A 154 27.97 6.76 -12.31
C ILE A 154 26.61 6.28 -11.83
N THR A 155 26.27 5.04 -12.14
CA THR A 155 25.02 4.43 -11.70
C THR A 155 25.14 3.98 -10.26
N ASP A 156 24.00 3.73 -9.63
CA ASP A 156 24.01 3.23 -8.28
C ASP A 156 24.36 1.73 -8.31
N LYS A 157 24.64 1.14 -7.15
CA LYS A 157 24.85 -0.31 -7.08
C LYS A 157 23.56 -1.09 -7.36
N CYS A 158 23.72 -2.25 -7.97
CA CYS A 158 22.62 -3.08 -8.45
C CYS A 158 23.02 -4.51 -8.10
N VAL A 159 22.13 -5.27 -7.49
CA VAL A 159 22.45 -6.66 -7.16
C VAL A 159 21.88 -7.62 -8.22
N LEU A 160 22.75 -8.39 -8.87
CA LEU A 160 22.28 -9.45 -9.76
C LEU A 160 22.38 -10.80 -9.07
N ASP A 161 21.59 -11.76 -9.55
CA ASP A 161 21.45 -13.06 -8.88
C ASP A 161 21.63 -14.12 -9.96
N MET A 162 22.75 -14.84 -9.92
CA MET A 162 23.02 -15.87 -10.91
C MET A 162 22.45 -17.16 -10.34
N ARG A 163 21.22 -17.47 -10.77
CA ARG A 163 20.42 -18.53 -10.16
C ARG A 163 21.05 -19.92 -10.11
N SER A 164 21.60 -20.38 -11.24
CA SER A 164 22.18 -21.73 -11.32
C SER A 164 23.44 -21.89 -10.46
N MET A 165 24.03 -20.77 -10.05
CA MET A 165 25.24 -20.77 -9.25
C MET A 165 25.03 -20.25 -7.84
N ASP A 166 23.78 -19.93 -7.52
CA ASP A 166 23.43 -19.47 -6.18
C ASP A 166 24.30 -18.27 -5.73
N PHE A 167 24.56 -17.38 -6.66
CA PHE A 167 25.59 -16.37 -6.50
C PHE A 167 25.03 -14.97 -6.71
N LYS A 168 25.19 -14.12 -5.69
CA LYS A 168 24.79 -12.71 -5.79
C LYS A 168 26.01 -11.82 -5.84
N SER A 169 25.93 -10.76 -6.65
CA SER A 169 26.97 -9.77 -6.74
C SER A 169 26.41 -8.36 -6.93
N ASN A 170 27.05 -7.41 -6.26
CA ASN A 170 26.81 -6.00 -6.46
C ASN A 170 27.65 -5.52 -7.63
N SER A 171 27.21 -4.46 -8.31
CA SER A 171 28.05 -3.70 -9.25
C SER A 171 27.49 -2.32 -9.51
N ALA A 172 28.36 -1.45 -10.01
CA ALA A 172 28.03 -0.10 -10.43
C ALA A 172 28.89 0.22 -11.64
N VAL A 173 28.34 0.99 -12.58
CA VAL A 173 29.01 1.29 -13.84
C VAL A 173 29.35 2.77 -13.90
N ALA A 174 30.55 3.08 -14.39
CA ALA A 174 30.91 4.47 -14.65
C ALA A 174 31.43 4.61 -16.06
N TRP A 175 31.11 5.74 -16.69
CA TRP A 175 31.62 6.09 -18.02
C TRP A 175 31.71 7.62 -18.21
N SER A 176 32.48 8.03 -19.23
CA SER A 176 32.77 9.43 -19.51
C SER A 176 33.56 9.58 -20.82
N ASN A 177 33.33 10.70 -21.52
CA ASN A 177 34.09 11.08 -22.72
C ASN A 177 35.30 11.98 -22.41
N LYS A 178 35.70 12.05 -21.14
CA LYS A 178 36.63 13.12 -20.69
C LYS A 178 38.13 12.96 -21.02
N SER A 179 38.47 11.97 -21.85
CA SER A 179 39.87 11.75 -22.27
C SER A 179 40.76 11.26 -21.12
N ASP A 180 40.83 12.06 -20.04
CA ASP A 180 41.61 11.71 -18.83
C ASP A 180 40.82 10.89 -17.77
N PHE A 181 39.66 10.36 -18.18
CA PHE A 181 38.84 9.46 -17.36
C PHE A 181 39.34 8.02 -17.55
N ALA A 182 39.66 7.37 -16.42
CA ALA A 182 40.24 6.03 -16.39
C ALA A 182 39.67 5.20 -15.24
N CYS A 183 39.69 3.88 -15.41
CA CYS A 183 39.21 2.94 -14.40
C CYS A 183 39.82 3.16 -13.03
N ALA A 184 41.12 3.49 -13.01
CA ALA A 184 41.84 3.84 -11.78
C ALA A 184 41.24 4.99 -10.96
N ASN A 185 40.63 5.98 -11.62
CA ASN A 185 40.03 7.11 -10.91
C ASN A 185 38.50 7.19 -10.96
N ALA A 186 37.85 6.30 -11.71
CA ALA A 186 36.39 6.36 -11.93
C ALA A 186 35.56 6.41 -10.65
N PHE A 187 35.97 5.60 -9.67
CA PHE A 187 35.22 5.46 -8.42
C PHE A 187 35.91 6.18 -7.24
N ASN A 188 36.61 7.26 -7.59
CA ASN A 188 37.25 8.16 -6.60
C ASN A 188 36.29 8.79 -5.59
N ASN A 189 35.02 9.01 -5.98
CA ASN A 189 34.04 9.56 -5.02
C ASN A 189 33.67 8.55 -3.92
N SER A 190 33.95 7.28 -4.17
CA SER A 190 33.58 6.22 -3.22
C SER A 190 34.74 5.83 -2.31
N ILE A 191 34.37 5.42 -1.11
CA ILE A 191 35.29 4.76 -0.22
C ILE A 191 35.19 3.27 -0.54
N ILE A 192 36.13 2.81 -1.35
CA ILE A 192 36.21 1.43 -1.80
C ILE A 192 37.21 0.64 -0.93
N PRO A 193 37.07 -0.69 -0.87
CA PRO A 193 37.97 -1.45 0.01
C PRO A 193 39.44 -1.32 -0.40
N GLU A 194 40.34 -1.22 0.59
CA GLU A 194 41.79 -1.06 0.30
C GLU A 194 42.29 -2.14 -0.66
N ASP A 195 41.79 -3.37 -0.49
CA ASP A 195 42.23 -4.52 -1.30
C ASP A 195 41.47 -4.72 -2.61
N THR A 196 40.84 -3.65 -3.12
CA THR A 196 40.18 -3.66 -4.41
C THR A 196 41.18 -3.97 -5.52
N PHE A 197 40.85 -4.97 -6.32
CA PHE A 197 41.68 -5.40 -7.43
C PHE A 197 41.57 -4.41 -8.59
N PHE A 198 42.69 -3.77 -8.93
CA PHE A 198 42.81 -3.00 -10.17
C PHE A 198 43.82 -3.72 -11.09
N PRO A 199 43.32 -4.41 -12.14
CA PRO A 199 44.16 -5.28 -12.98
C PRO A 199 45.27 -4.54 -13.77
N SER A 200 46.43 -5.18 -13.90
CA SER A 200 47.58 -4.69 -14.68
C SER A 200 47.91 -3.21 -14.47
N ASP B 3 -12.50 -12.78 -9.39
CA ASP B 3 -12.76 -11.80 -8.29
C ASP B 3 -12.83 -10.37 -8.81
N GLY B 4 -11.76 -9.89 -9.45
CA GLY B 4 -11.73 -8.56 -10.07
C GLY B 4 -10.56 -7.65 -9.71
N GLY B 5 -10.44 -6.53 -10.43
CA GLY B 5 -9.40 -5.52 -10.16
C GLY B 5 -9.65 -4.11 -10.71
N ILE B 6 -8.59 -3.30 -10.67
CA ILE B 6 -8.63 -1.91 -11.13
C ILE B 6 -7.42 -1.67 -12.03
N THR B 7 -7.66 -1.09 -13.21
N THR B 7 -7.67 -1.06 -13.19
CA THR B 7 -6.61 -0.91 -14.21
CA THR B 7 -6.63 -0.88 -14.21
C THR B 7 -6.54 0.53 -14.74
C THR B 7 -6.50 0.57 -14.67
N GLN B 8 -5.41 0.84 -15.38
CA GLN B 8 -5.16 2.16 -15.95
C GLN B 8 -4.48 1.93 -17.28
N SER B 9 -4.71 2.84 -18.23
CA SER B 9 -4.00 2.77 -19.50
C SER B 9 -3.83 4.17 -20.10
N PRO B 10 -2.77 4.35 -20.91
CA PRO B 10 -1.67 3.39 -21.05
C PRO B 10 -0.59 3.64 -19.98
N LYS B 11 0.46 2.82 -20.01
CA LYS B 11 1.55 2.94 -19.07
C LYS B 11 2.28 4.28 -19.22
N TYR B 12 2.56 4.67 -20.46
CA TYR B 12 3.28 5.92 -20.73
C TYR B 12 2.47 6.84 -21.67
N LEU B 13 2.57 8.15 -21.44
CA LEU B 13 1.93 9.13 -22.32
C LEU B 13 2.86 10.30 -22.54
N PHE B 14 3.03 10.66 -23.81
CA PHE B 14 3.80 11.85 -24.15
C PHE B 14 2.97 12.89 -24.92
N ARG B 15 3.07 14.14 -24.51
CA ARG B 15 2.33 15.22 -25.17
C ARG B 15 3.16 16.49 -25.27
N LYS B 16 2.91 17.25 -26.34
CA LYS B 16 3.41 18.59 -26.50
C LYS B 16 2.66 19.48 -25.52
N GLU B 17 3.36 20.46 -24.95
CA GLU B 17 2.76 21.45 -24.08
C GLU B 17 1.54 22.06 -24.77
N GLY B 18 0.43 22.11 -24.03
CA GLY B 18 -0.78 22.75 -24.51
C GLY B 18 -1.83 21.80 -25.07
N GLN B 19 -1.47 20.54 -25.20
CA GLN B 19 -2.43 19.56 -25.71
C GLN B 19 -3.10 18.77 -24.56
N ASN B 20 -4.41 18.97 -24.41
CA ASN B 20 -5.22 18.21 -23.46
C ASN B 20 -5.16 16.70 -23.67
N VAL B 21 -5.06 15.96 -22.56
CA VAL B 21 -5.10 14.50 -22.64
C VAL B 21 -5.97 13.96 -21.51
N THR B 22 -6.54 12.79 -21.72
CA THR B 22 -7.43 12.16 -20.76
C THR B 22 -6.92 10.78 -20.37
N LEU B 23 -6.79 10.55 -19.06
CA LEU B 23 -6.33 9.26 -18.54
C LEU B 23 -7.50 8.38 -18.12
N SER B 24 -7.39 7.10 -18.44
CA SER B 24 -8.46 6.16 -18.16
C SER B 24 -8.18 5.36 -16.88
N CYS B 25 -9.25 5.10 -16.13
CA CYS B 25 -9.19 4.29 -14.92
C CYS B 25 -10.49 3.53 -14.87
N GLU B 26 -10.39 2.21 -14.85
CA GLU B 26 -11.55 1.33 -14.88
C GLU B 26 -11.46 0.28 -13.78
N GLN B 27 -12.59 -0.05 -13.20
CA GLN B 27 -12.66 -0.85 -11.98
C GLN B 27 -13.94 -1.71 -12.00
N ASN B 28 -13.78 -3.04 -11.92
CA ASN B 28 -14.92 -3.95 -11.69
C ASN B 28 -14.93 -4.58 -10.29
N LEU B 29 -14.48 -3.83 -9.29
CA LEU B 29 -14.48 -4.30 -7.90
C LEU B 29 -15.80 -4.02 -7.19
N ASN B 30 -16.75 -3.39 -7.91
CA ASN B 30 -18.05 -2.97 -7.33
C ASN B 30 -17.89 -1.85 -6.28
N HIS B 31 -16.89 -1.00 -6.48
CA HIS B 31 -16.59 0.07 -5.53
C HIS B 31 -17.38 1.31 -5.89
N ASP B 32 -17.83 2.06 -4.90
CA ASP B 32 -18.50 3.34 -5.16
C ASP B 32 -17.53 4.49 -5.36
N ALA B 33 -16.43 4.48 -4.63
CA ALA B 33 -15.57 5.68 -4.56
C ALA B 33 -14.29 5.51 -5.37
N MET B 34 -13.92 6.54 -6.11
CA MET B 34 -12.73 6.49 -6.96
C MET B 34 -11.95 7.76 -6.77
N TYR B 35 -10.64 7.68 -6.98
CA TYR B 35 -9.70 8.74 -6.59
C TYR B 35 -8.57 8.90 -7.63
N TRP B 36 -8.18 10.14 -7.90
CA TRP B 36 -6.98 10.43 -8.70
C TRP B 36 -5.90 11.15 -7.88
N TYR B 37 -4.68 10.64 -7.96
CA TYR B 37 -3.51 11.22 -7.29
C TYR B 37 -2.42 11.48 -8.32
N ARG B 38 -1.57 12.46 -8.01
CA ARG B 38 -0.26 12.52 -8.65
C ARG B 38 0.84 12.34 -7.60
N GLN B 39 1.98 11.81 -8.02
CA GLN B 39 3.09 11.53 -7.14
C GLN B 39 4.34 12.20 -7.71
N ASP B 40 4.86 13.17 -6.96
CA ASP B 40 6.08 13.86 -7.34
C ASP B 40 7.14 13.63 -6.25
N PRO B 41 8.41 13.49 -6.64
CA PRO B 41 9.44 13.00 -5.70
C PRO B 41 9.54 13.74 -4.35
N GLY B 42 9.33 15.04 -4.34
CA GLY B 42 9.37 15.78 -3.07
C GLY B 42 8.13 15.68 -2.19
N GLN B 43 7.00 15.27 -2.78
CA GLN B 43 5.73 15.46 -2.08
C GLN B 43 4.82 14.25 -1.92
N GLY B 44 5.32 13.07 -2.33
CA GLY B 44 4.53 11.84 -2.27
C GLY B 44 3.19 11.98 -3.00
N LEU B 45 2.15 11.30 -2.49
CA LEU B 45 0.83 11.28 -3.12
C LEU B 45 0.01 12.52 -2.81
N ARG B 46 -0.42 13.22 -3.86
CA ARG B 46 -1.31 14.35 -3.67
C ARG B 46 -2.59 14.14 -4.46
N LEU B 47 -3.71 14.35 -3.77
CA LEU B 47 -5.03 14.05 -4.28
C LEU B 47 -5.54 15.15 -5.23
N ILE B 48 -5.87 14.75 -6.45
CA ILE B 48 -6.30 15.67 -7.49
C ILE B 48 -7.82 15.87 -7.47
N TYR B 49 -8.56 14.78 -7.65
CA TYR B 49 -10.02 14.79 -7.70
C TYR B 49 -10.48 13.45 -7.14
N TYR B 50 -11.69 13.41 -6.58
CA TYR B 50 -12.29 12.15 -6.16
C TYR B 50 -13.82 12.13 -6.28
N SER B 51 -14.38 10.94 -6.15
CA SER B 51 -15.78 10.70 -6.47
C SER B 51 -16.31 9.64 -5.54
N GLN B 52 -17.17 10.06 -4.60
CA GLN B 52 -17.65 9.17 -3.55
C GLN B 52 -18.67 8.18 -4.08
N ILE B 53 -19.32 8.56 -5.18
CA ILE B 53 -20.39 7.76 -5.76
C ILE B 53 -20.64 8.20 -7.22
N VAL B 54 -21.26 7.32 -8.01
CA VAL B 54 -21.64 7.60 -9.41
C VAL B 54 -22.27 9.00 -9.58
N ASN B 55 -21.81 9.73 -10.60
CA ASN B 55 -22.28 11.08 -10.94
C ASN B 55 -22.09 12.13 -9.84
N ASP B 56 -21.12 11.90 -8.96
CA ASP B 56 -20.75 12.88 -7.93
C ASP B 56 -19.23 12.90 -7.81
N PHE B 57 -18.64 14.09 -7.92
CA PHE B 57 -17.19 14.26 -7.77
C PHE B 57 -16.91 15.61 -7.13
N GLN B 58 -15.70 15.78 -6.61
CA GLN B 58 -15.30 17.00 -5.90
C GLN B 58 -13.79 17.16 -5.91
N LYS B 59 -13.36 18.39 -5.67
CA LYS B 59 -11.97 18.78 -5.85
C LYS B 59 -11.08 18.22 -4.75
N GLY B 60 -9.89 17.76 -5.14
CA GLY B 60 -8.88 17.33 -4.18
C GLY B 60 -8.14 18.56 -3.69
N ASP B 61 -6.87 18.37 -3.32
CA ASP B 61 -6.03 19.47 -2.86
C ASP B 61 -5.35 20.21 -4.02
N ILE B 62 -5.08 19.50 -5.12
CA ILE B 62 -4.48 20.14 -6.30
C ILE B 62 -5.33 19.94 -7.56
N ALA B 63 -6.52 20.54 -7.59
CA ALA B 63 -7.46 20.33 -8.70
C ALA B 63 -7.26 21.25 -9.91
N GLU B 64 -6.50 22.34 -9.74
CA GLU B 64 -6.28 23.34 -10.78
C GLU B 64 -5.70 22.75 -12.08
N GLY B 65 -6.45 22.89 -13.16
CA GLY B 65 -6.00 22.46 -14.49
C GLY B 65 -6.45 21.06 -14.84
N TYR B 66 -7.16 20.43 -13.91
CA TYR B 66 -7.66 19.08 -14.10
C TYR B 66 -9.19 19.11 -14.12
N SER B 67 -9.79 18.14 -14.79
CA SER B 67 -11.24 17.97 -14.71
C SER B 67 -11.53 16.48 -14.80
N VAL B 68 -12.65 16.07 -14.23
CA VAL B 68 -13.11 14.70 -14.28
C VAL B 68 -14.60 14.62 -14.62
N SER B 69 -15.08 13.38 -14.85
CA SER B 69 -16.50 13.09 -14.83
C SER B 69 -16.75 11.67 -14.28
N ARG B 70 -17.97 11.42 -13.81
CA ARG B 70 -18.34 10.13 -13.29
C ARG B 70 -19.73 9.70 -13.75
N GLU B 71 -19.85 9.32 -15.03
CA GLU B 71 -21.11 8.83 -15.57
C GLU B 71 -21.42 7.44 -15.06
N LYS B 72 -20.37 6.64 -14.92
CA LYS B 72 -20.50 5.23 -14.63
C LYS B 72 -19.79 4.86 -13.33
N LYS B 73 -20.32 3.84 -12.66
CA LYS B 73 -19.74 3.31 -11.45
C LYS B 73 -18.31 2.80 -11.69
N GLU B 74 -18.08 2.19 -12.84
CA GLU B 74 -16.84 1.46 -13.06
C GLU B 74 -15.64 2.29 -13.52
N SER B 75 -15.86 3.54 -13.96
CA SER B 75 -14.76 4.33 -14.47
C SER B 75 -14.72 5.78 -13.99
N PHE B 76 -13.53 6.38 -14.06
CA PHE B 76 -13.31 7.75 -13.56
C PHE B 76 -12.19 8.42 -14.38
N PRO B 77 -12.51 8.99 -15.56
CA PRO B 77 -11.44 9.51 -16.44
C PRO B 77 -10.91 10.85 -16.00
N LEU B 78 -9.59 10.99 -15.99
CA LEU B 78 -8.98 12.25 -15.62
C LEU B 78 -8.43 12.98 -16.84
N THR B 79 -8.88 14.21 -17.03
CA THR B 79 -8.42 15.02 -18.12
C THR B 79 -7.42 16.04 -17.58
N VAL B 80 -6.30 16.14 -18.26
CA VAL B 80 -5.27 17.11 -17.93
C VAL B 80 -5.35 18.19 -18.99
N THR B 81 -5.64 19.41 -18.57
CA THR B 81 -5.79 20.52 -19.50
C THR B 81 -4.54 21.40 -19.58
N SER B 82 -4.45 22.15 -20.69
CA SER B 82 -3.39 23.13 -20.93
C SER B 82 -3.13 24.04 -19.73
N ALA B 83 -4.18 24.32 -18.97
CA ALA B 83 -4.11 25.22 -17.82
C ALA B 83 -3.31 24.67 -16.63
N GLN B 84 -2.85 23.42 -16.70
CA GLN B 84 -2.23 22.78 -15.54
C GLN B 84 -0.84 23.32 -15.14
N LYS B 85 0.10 23.42 -16.08
CA LYS B 85 1.39 24.09 -15.79
C LYS B 85 2.59 23.18 -15.46
N ASN B 86 2.40 22.22 -14.55
CA ASN B 86 3.39 21.15 -14.34
C ASN B 86 2.78 19.76 -14.52
N PRO B 87 2.23 19.48 -15.71
CA PRO B 87 1.50 18.24 -15.95
C PRO B 87 2.34 16.97 -15.84
N THR B 88 3.67 17.08 -15.99
CA THR B 88 4.58 15.93 -15.94
C THR B 88 4.59 15.29 -14.54
N ALA B 89 4.18 14.02 -14.47
CA ALA B 89 4.00 13.32 -13.19
C ALA B 89 3.63 11.86 -13.40
N PHE B 90 3.61 11.10 -12.31
CA PHE B 90 3.11 9.73 -12.27
C PHE B 90 1.70 9.79 -11.71
N TYR B 91 0.74 9.26 -12.47
CA TYR B 91 -0.67 9.38 -12.14
C TYR B 91 -1.25 8.06 -11.69
N LEU B 92 -1.87 8.11 -10.51
CA LEU B 92 -2.40 6.93 -9.84
C LEU B 92 -3.89 7.10 -9.56
N CYS B 93 -4.68 6.11 -9.96
CA CYS B 93 -6.07 6.09 -9.60
C CYS B 93 -6.32 4.93 -8.64
N ALA B 94 -7.30 5.11 -7.79
CA ALA B 94 -7.62 4.14 -6.77
C ALA B 94 -9.13 4.13 -6.54
N SER B 95 -9.62 3.00 -6.04
CA SER B 95 -11.01 2.92 -5.65
C SER B 95 -11.18 2.31 -4.26
N SER B 96 -12.29 2.64 -3.59
CA SER B 96 -12.65 1.94 -2.38
C SER B 96 -14.13 1.61 -2.32
N SER B 97 -14.44 0.57 -1.55
CA SER B 97 -15.83 0.13 -1.39
C SER B 97 -16.74 1.33 -1.16
N ARG B 98 -16.43 2.09 -0.12
CA ARG B 98 -17.09 3.36 0.15
C ARG B 98 -16.02 4.42 0.40
N SER B 99 -16.39 5.69 0.29
CA SER B 99 -15.43 6.76 0.55
C SER B 99 -14.80 6.68 1.95
N SER B 100 -13.47 6.85 1.99
CA SER B 100 -12.64 6.80 3.23
C SER B 100 -12.26 5.40 3.69
N TYR B 101 -12.75 4.36 3.01
CA TYR B 101 -12.33 2.98 3.30
C TYR B 101 -10.95 2.73 2.68
N GLU B 102 -10.39 1.54 2.90
CA GLU B 102 -9.11 1.12 2.32
C GLU B 102 -9.14 1.20 0.79
N GLN B 103 -8.11 1.78 0.19
CA GLN B 103 -8.05 1.98 -1.27
C GLN B 103 -7.19 0.94 -1.95
N TYR B 104 -7.62 0.55 -3.16
CA TYR B 104 -6.90 -0.34 -4.05
C TYR B 104 -6.48 0.43 -5.28
N PHE B 105 -5.20 0.35 -5.63
CA PHE B 105 -4.62 1.23 -6.63
C PHE B 105 -4.47 0.54 -7.96
N GLY B 106 -4.64 1.30 -9.03
CA GLY B 106 -4.25 0.83 -10.33
C GLY B 106 -2.74 0.91 -10.49
N PRO B 107 -2.22 0.40 -11.63
CA PRO B 107 -0.78 0.36 -11.92
C PRO B 107 -0.11 1.70 -12.24
N GLY B 108 -0.90 2.76 -12.44
CA GLY B 108 -0.33 4.08 -12.69
C GLY B 108 0.02 4.37 -14.14
N THR B 109 0.14 5.67 -14.45
CA THR B 109 0.45 6.16 -15.79
C THR B 109 1.49 7.25 -15.65
N ARG B 110 2.54 7.17 -16.47
N ARG B 110 2.57 7.21 -16.43
CA ARG B 110 3.55 8.21 -16.56
CA ARG B 110 3.54 8.30 -16.39
C ARG B 110 3.10 9.20 -17.63
C ARG B 110 3.36 9.24 -17.58
N LEU B 111 3.01 10.48 -17.27
CA LEU B 111 2.80 11.51 -18.28
C LEU B 111 3.97 12.46 -18.29
N THR B 112 4.58 12.62 -19.47
CA THR B 112 5.59 13.63 -19.67
C THR B 112 5.12 14.64 -20.71
N VAL B 113 5.22 15.92 -20.35
CA VAL B 113 4.88 16.98 -21.27
C VAL B 113 6.07 17.92 -21.43
N THR B 114 6.45 18.17 -22.69
CA THR B 114 7.47 19.19 -22.96
C THR B 114 7.04 20.32 -23.89
N GLU B 115 7.69 21.47 -23.68
CA GLU B 115 7.42 22.73 -24.38
C GLU B 115 7.82 22.67 -25.85
N ASP B 116 8.84 21.86 -26.14
CA ASP B 116 9.44 21.80 -27.46
C ASP B 116 9.65 20.35 -27.88
N LEU B 117 9.01 19.92 -28.97
CA LEU B 117 9.19 18.56 -29.49
C LEU B 117 10.61 18.25 -29.95
N LYS B 118 11.44 19.28 -30.08
CA LYS B 118 12.85 19.13 -30.44
C LYS B 118 13.67 18.47 -29.32
N ASN B 119 13.15 18.52 -28.09
CA ASN B 119 13.77 17.92 -26.91
C ASN B 119 13.69 16.39 -26.84
N VAL B 120 13.04 15.80 -27.84
CA VAL B 120 12.78 14.36 -27.87
C VAL B 120 13.86 13.61 -28.63
N PHE B 121 14.48 12.64 -27.95
CA PHE B 121 15.52 11.81 -28.56
C PHE B 121 15.28 10.34 -28.22
N PRO B 122 15.53 9.45 -29.17
CA PRO B 122 15.49 8.03 -28.86
C PRO B 122 16.73 7.61 -28.04
N PRO B 123 16.78 6.35 -27.55
CA PRO B 123 17.98 5.91 -26.84
C PRO B 123 19.10 5.49 -27.78
N GLU B 124 20.33 5.89 -27.47
CA GLU B 124 21.48 5.25 -28.06
C GLU B 124 21.88 4.09 -27.16
N VAL B 125 21.98 2.91 -27.77
CA VAL B 125 22.28 1.67 -27.07
C VAL B 125 23.63 1.09 -27.51
N ALA B 126 24.45 0.71 -26.53
CA ALA B 126 25.69 -0.04 -26.78
C ALA B 126 25.89 -1.19 -25.78
N VAL B 127 26.44 -2.30 -26.26
CA VAL B 127 26.80 -3.41 -25.39
C VAL B 127 28.33 -3.49 -25.25
N PHE B 128 28.80 -3.45 -24.02
CA PHE B 128 30.23 -3.54 -23.70
C PHE B 128 30.62 -4.95 -23.28
N GLU B 129 31.72 -5.46 -23.83
CA GLU B 129 32.10 -6.87 -23.66
C GLU B 129 32.82 -7.14 -22.34
N PRO B 130 32.67 -8.38 -21.79
CA PRO B 130 33.37 -8.80 -20.56
C PRO B 130 34.89 -8.61 -20.62
N SER B 131 35.47 -8.26 -19.48
CA SER B 131 36.89 -7.97 -19.37
C SER B 131 37.66 -9.26 -19.17
N GLU B 132 38.79 -9.38 -19.88
CA GLU B 132 39.61 -10.57 -19.81
C GLU B 132 40.14 -10.75 -18.40
N ALA B 133 40.42 -9.63 -17.72
CA ALA B 133 40.84 -9.66 -16.32
C ALA B 133 39.74 -10.27 -15.40
N GLU B 134 38.49 -9.90 -15.63
CA GLU B 134 37.37 -10.43 -14.84
C GLU B 134 37.29 -11.95 -15.00
N ILE B 135 37.27 -12.40 -16.25
CA ILE B 135 37.27 -13.83 -16.56
C ILE B 135 38.36 -14.59 -15.79
N SER B 136 39.60 -14.13 -15.93
CA SER B 136 40.72 -14.83 -15.31
C SER B 136 40.66 -14.75 -13.78
N HIS B 137 40.17 -13.63 -13.25
CA HIS B 137 40.11 -13.46 -11.80
C HIS B 137 38.94 -14.21 -11.12
N THR B 138 37.89 -14.53 -11.85
CA THR B 138 36.64 -14.95 -11.20
C THR B 138 35.93 -16.09 -11.89
N GLN B 139 36.34 -16.37 -13.13
CA GLN B 139 35.65 -17.35 -14.01
C GLN B 139 34.17 -16.96 -14.25
N LYS B 140 33.89 -15.65 -14.18
CA LYS B 140 32.60 -15.09 -14.58
C LYS B 140 32.82 -13.95 -15.55
N ALA B 141 31.76 -13.57 -16.23
CA ALA B 141 31.85 -12.62 -17.30
C ALA B 141 30.62 -11.73 -17.27
N THR B 142 30.86 -10.43 -17.10
CA THR B 142 29.79 -9.44 -17.08
C THR B 142 29.74 -8.63 -18.38
N LEU B 143 28.57 -8.64 -19.03
CA LEU B 143 28.31 -7.66 -20.08
C LEU B 143 27.56 -6.48 -19.52
N VAL B 144 27.82 -5.30 -20.08
CA VAL B 144 27.09 -4.09 -19.68
C VAL B 144 26.40 -3.50 -20.89
N CYS B 145 25.14 -3.08 -20.71
CA CYS B 145 24.40 -2.37 -21.74
C CYS B 145 24.16 -0.95 -21.28
N LEU B 146 24.33 0.00 -22.19
CA LEU B 146 24.16 1.40 -21.89
C LEU B 146 23.12 1.98 -22.86
N ALA B 147 22.06 2.57 -22.32
CA ALA B 147 21.12 3.33 -23.13
C ALA B 147 21.33 4.81 -22.79
N THR B 148 21.74 5.60 -23.79
CA THR B 148 22.13 7.00 -23.57
C THR B 148 21.37 8.03 -24.39
N GLY B 149 21.30 9.23 -23.83
CA GLY B 149 20.73 10.39 -24.51
C GLY B 149 19.26 10.33 -24.88
N PHE B 150 18.45 9.59 -24.11
CA PHE B 150 17.03 9.50 -24.45
C PHE B 150 16.12 10.46 -23.70
N TYR B 151 14.98 10.76 -24.32
CA TYR B 151 13.95 11.64 -23.78
C TYR B 151 12.69 11.39 -24.60
N PRO B 152 11.54 11.16 -23.94
CA PRO B 152 11.33 11.18 -22.48
C PRO B 152 11.94 9.95 -21.80
N ASP B 153 11.94 9.95 -20.47
N ASP B 153 11.95 9.92 -20.47
CA ASP B 153 12.39 8.80 -19.70
CA ASP B 153 12.48 8.76 -19.75
C ASP B 153 11.29 7.74 -19.70
C ASP B 153 11.45 7.63 -19.70
N HIS B 154 11.00 7.18 -20.87
CA HIS B 154 9.99 6.13 -20.99
C HIS B 154 10.59 4.97 -21.78
N VAL B 155 11.37 4.15 -21.09
CA VAL B 155 12.03 3.02 -21.73
C VAL B 155 11.87 1.76 -20.92
N GLU B 156 11.99 0.63 -21.60
CA GLU B 156 11.96 -0.68 -20.97
C GLU B 156 13.08 -1.49 -21.59
N LEU B 157 13.95 -2.01 -20.74
CA LEU B 157 15.14 -2.71 -21.16
C LEU B 157 15.04 -4.19 -20.91
N SER B 158 15.55 -4.98 -21.86
CA SER B 158 15.55 -6.45 -21.82
C SER B 158 16.80 -7.07 -22.45
N TRP B 159 17.23 -8.20 -21.90
CA TRP B 159 18.35 -8.99 -22.38
C TRP B 159 17.81 -10.25 -23.05
N TRP B 160 18.33 -10.57 -24.25
CA TRP B 160 17.96 -11.78 -25.00
C TRP B 160 19.22 -12.59 -25.31
N VAL B 161 19.23 -13.86 -24.90
CA VAL B 161 20.33 -14.79 -25.18
C VAL B 161 19.85 -15.92 -26.07
N ASN B 162 20.47 -16.04 -27.25
CA ASN B 162 20.11 -17.06 -28.24
C ASN B 162 18.62 -16.98 -28.63
N GLY B 163 18.11 -15.75 -28.75
CA GLY B 163 16.73 -15.52 -29.15
C GLY B 163 15.68 -15.45 -28.06
N LYS B 164 16.05 -15.75 -26.81
CA LYS B 164 15.07 -15.65 -25.69
C LYS B 164 15.52 -14.76 -24.52
N GLU B 165 14.56 -14.05 -23.96
CA GLU B 165 14.79 -13.10 -22.87
C GLU B 165 15.19 -13.85 -21.61
N VAL B 166 16.31 -13.43 -21.01
CA VAL B 166 16.75 -13.98 -19.74
C VAL B 166 16.43 -13.02 -18.58
N HIS B 167 16.39 -13.55 -17.37
CA HIS B 167 16.30 -12.71 -16.15
C HIS B 167 17.40 -13.00 -15.12
N SER B 168 17.81 -14.27 -15.05
CA SER B 168 18.91 -14.70 -14.21
C SER B 168 20.22 -13.98 -14.58
N GLY B 169 20.90 -13.50 -13.57
CA GLY B 169 22.17 -12.78 -13.72
C GLY B 169 22.03 -11.39 -14.29
N VAL B 170 20.80 -10.87 -14.31
CA VAL B 170 20.51 -9.51 -14.79
C VAL B 170 20.12 -8.55 -13.66
N CYS B 171 20.72 -7.36 -13.64
CA CYS B 171 20.20 -6.24 -12.85
C CYS B 171 20.15 -5.01 -13.73
N THR B 172 19.00 -4.33 -13.75
CA THR B 172 18.88 -3.05 -14.47
C THR B 172 18.63 -1.91 -13.49
N ASP B 173 19.25 -0.75 -13.70
CA ASP B 173 19.04 0.38 -12.76
C ASP B 173 17.54 0.59 -12.54
N PRO B 174 17.12 0.73 -11.28
CA PRO B 174 15.69 1.00 -11.07
C PRO B 174 15.32 2.36 -11.71
N GLN B 175 16.31 3.23 -11.78
CA GLN B 175 16.18 4.63 -12.17
C GLN B 175 17.10 5.04 -13.32
N PRO B 176 16.55 5.67 -14.37
CA PRO B 176 17.39 6.29 -15.40
C PRO B 176 18.22 7.44 -14.87
N LEU B 177 19.39 7.65 -15.46
CA LEU B 177 20.31 8.68 -15.01
C LEU B 177 20.14 9.96 -15.85
N LYS B 178 20.02 11.12 -15.18
CA LYS B 178 19.96 12.41 -15.88
C LYS B 178 21.34 12.87 -16.31
N GLU B 179 21.49 13.08 -17.61
CA GLU B 179 22.76 13.49 -18.17
C GLU B 179 23.14 14.95 -17.82
N GLN B 180 22.14 15.78 -17.51
CA GLN B 180 22.35 17.14 -16.99
C GLN B 180 21.33 17.45 -15.89
N PRO B 181 21.72 17.27 -14.62
CA PRO B 181 20.83 17.52 -13.47
C PRO B 181 20.26 18.95 -13.37
N ALA B 182 20.90 19.90 -14.05
CA ALA B 182 20.48 21.29 -14.04
C ALA B 182 19.36 21.59 -15.05
N LEU B 183 19.42 20.93 -16.20
CA LEU B 183 18.41 21.11 -17.25
C LEU B 183 17.05 20.55 -16.83
N ASN B 184 15.99 21.22 -17.27
CA ASN B 184 14.62 20.79 -17.01
C ASN B 184 14.18 19.70 -17.98
N ASP B 185 14.63 19.81 -19.23
CA ASP B 185 14.33 18.83 -20.27
C ASP B 185 15.56 17.96 -20.54
N SER B 186 16.41 17.87 -19.52
CA SER B 186 17.58 17.00 -19.49
C SER B 186 17.30 15.65 -20.13
N ARG B 187 18.24 15.18 -20.94
CA ARG B 187 18.16 13.84 -21.51
C ARG B 187 18.60 12.75 -20.48
N TYR B 188 18.37 11.47 -20.81
CA TYR B 188 18.50 10.36 -19.84
C TYR B 188 19.48 9.25 -20.25
N SER B 189 19.96 8.51 -19.25
CA SER B 189 20.74 7.30 -19.51
C SER B 189 20.36 6.16 -18.55
N LEU B 190 20.53 4.92 -19.00
CA LEU B 190 20.19 3.76 -18.18
C LEU B 190 21.18 2.64 -18.42
N SER B 191 21.68 2.01 -17.35
CA SER B 191 22.60 0.88 -17.55
C SER B 191 22.00 -0.41 -17.05
N SER B 192 22.51 -1.51 -17.58
CA SER B 192 22.13 -2.84 -17.14
C SER B 192 23.30 -3.82 -17.29
N ARG B 193 23.30 -4.86 -16.46
CA ARG B 193 24.37 -5.86 -16.46
C ARG B 193 23.76 -7.23 -16.70
N LEU B 194 24.46 -8.05 -17.49
CA LEU B 194 24.21 -9.50 -17.57
C LEU B 194 25.49 -10.30 -17.30
N ARG B 195 25.47 -11.05 -16.19
CA ARG B 195 26.61 -11.86 -15.80
C ARG B 195 26.40 -13.34 -16.10
N VAL B 196 27.37 -13.92 -16.79
CA VAL B 196 27.35 -15.35 -17.11
C VAL B 196 28.71 -15.98 -16.75
N SER B 197 28.75 -17.32 -16.70
CA SER B 197 30.01 -18.02 -16.43
C SER B 197 31.00 -17.71 -17.54
N ALA B 198 32.29 -17.83 -17.25
CA ALA B 198 33.31 -17.61 -18.27
C ALA B 198 33.08 -18.54 -19.45
N THR B 199 32.76 -19.81 -19.16
CA THR B 199 32.68 -20.81 -20.22
C THR B 199 31.48 -20.55 -21.16
N PHE B 200 30.36 -20.07 -20.63
CA PHE B 200 29.22 -19.67 -21.48
C PHE B 200 29.52 -18.49 -22.42
N TRP B 201 30.24 -17.48 -21.92
CA TRP B 201 30.73 -16.38 -22.76
C TRP B 201 31.77 -16.81 -23.78
N GLN B 202 32.57 -17.81 -23.44
CA GLN B 202 33.69 -18.27 -24.29
C GLN B 202 33.25 -19.13 -25.48
N ASN B 203 31.94 -19.33 -25.60
CA ASN B 203 31.35 -20.05 -26.72
C ASN B 203 30.87 -19.07 -27.78
N PRO B 204 31.49 -19.11 -28.98
CA PRO B 204 31.13 -18.23 -30.11
C PRO B 204 29.74 -18.49 -30.67
N ARG B 205 29.17 -19.64 -30.30
CA ARG B 205 27.79 -19.99 -30.62
C ARG B 205 26.77 -19.13 -29.85
N ASN B 206 27.18 -18.56 -28.71
CA ASN B 206 26.26 -17.75 -27.89
C ASN B 206 26.13 -16.30 -28.35
N HIS B 207 24.88 -15.89 -28.58
CA HIS B 207 24.54 -14.55 -29.06
C HIS B 207 23.87 -13.76 -27.93
N PHE B 208 24.27 -12.51 -27.77
CA PHE B 208 23.75 -11.67 -26.69
C PHE B 208 23.17 -10.38 -27.24
N ARG B 209 21.94 -10.06 -26.86
CA ARG B 209 21.29 -8.82 -27.32
C ARG B 209 20.67 -8.03 -26.16
N CYS B 210 20.98 -6.73 -26.14
CA CYS B 210 20.33 -5.78 -25.25
C CYS B 210 19.32 -5.00 -26.08
N GLN B 211 18.11 -4.90 -25.55
CA GLN B 211 17.00 -4.29 -26.27
C GLN B 211 16.31 -3.21 -25.42
N VAL B 212 16.15 -2.02 -26.00
CA VAL B 212 15.47 -0.93 -25.28
C VAL B 212 14.23 -0.46 -26.04
N GLN B 213 13.05 -0.78 -25.52
CA GLN B 213 11.80 -0.25 -26.06
C GLN B 213 11.64 1.22 -25.68
N PHE B 214 11.58 2.09 -26.70
CA PHE B 214 11.41 3.51 -26.46
C PHE B 214 10.01 3.95 -26.79
N TYR B 215 9.43 4.81 -25.94
CA TYR B 215 8.12 5.40 -26.21
C TYR B 215 8.23 6.88 -26.49
N GLY B 216 8.09 7.23 -27.76
CA GLY B 216 8.22 8.61 -28.20
C GLY B 216 7.02 9.07 -29.00
N LEU B 217 7.28 9.81 -30.07
CA LEU B 217 6.26 10.48 -30.85
C LEU B 217 5.39 9.52 -31.65
N SER B 218 4.14 9.91 -31.83
CA SER B 218 3.19 9.16 -32.65
C SER B 218 2.91 9.93 -33.94
N GLU B 219 2.32 9.27 -34.93
CA GLU B 219 2.09 9.82 -36.28
C GLU B 219 1.54 11.24 -36.23
N ASN B 220 0.49 11.42 -35.43
CA ASN B 220 -0.06 12.72 -35.08
C ASN B 220 1.00 13.83 -35.03
N ASP B 221 2.09 13.58 -34.31
CA ASP B 221 3.18 14.54 -34.18
C ASP B 221 3.98 14.65 -35.48
N GLU B 222 4.24 15.88 -35.92
CA GLU B 222 4.98 16.08 -37.16
C GLU B 222 6.41 16.60 -36.94
N TRP B 223 7.31 16.13 -37.78
CA TRP B 223 8.73 16.41 -37.66
C TRP B 223 9.21 17.08 -38.95
N THR B 224 10.02 18.11 -38.79
CA THR B 224 10.69 18.74 -39.93
C THR B 224 12.20 18.88 -39.71
N GLN B 225 12.64 18.68 -38.46
CA GLN B 225 14.06 18.68 -38.11
C GLN B 225 14.85 17.68 -38.95
N ASP B 226 16.15 17.94 -39.09
CA ASP B 226 17.00 17.14 -39.97
C ASP B 226 17.23 15.70 -39.50
N ARG B 227 17.50 15.51 -38.21
CA ARG B 227 17.62 14.14 -37.67
C ARG B 227 16.32 13.34 -37.83
N ALA B 228 16.46 12.02 -37.95
CA ALA B 228 15.34 11.08 -38.04
C ALA B 228 14.25 11.29 -36.97
N LYS B 229 13.03 10.91 -37.32
CA LYS B 229 11.87 11.12 -36.45
C LYS B 229 11.96 10.22 -35.22
N PRO B 230 11.97 10.81 -34.01
CA PRO B 230 12.11 9.97 -32.82
C PRO B 230 10.76 9.38 -32.37
N VAL B 231 10.31 8.37 -33.10
CA VAL B 231 9.01 7.74 -32.81
C VAL B 231 9.19 6.57 -31.85
N THR B 232 8.08 6.08 -31.32
CA THR B 232 8.05 4.82 -30.60
C THR B 232 8.76 3.73 -31.43
N GLN B 233 9.75 3.07 -30.82
CA GLN B 233 10.76 2.31 -31.55
C GLN B 233 11.60 1.43 -30.60
N ILE B 234 12.13 0.33 -31.14
CA ILE B 234 13.07 -0.53 -30.41
C ILE B 234 14.50 -0.30 -30.91
N VAL B 235 15.42 0.02 -30.00
CA VAL B 235 16.85 0.16 -30.32
C VAL B 235 17.65 -0.95 -29.64
N SER B 236 18.41 -1.70 -30.44
CA SER B 236 19.19 -2.84 -29.96
C SER B 236 20.71 -2.70 -30.19
N ALA B 237 21.49 -3.47 -29.42
CA ALA B 237 22.92 -3.63 -29.66
C ALA B 237 23.30 -5.07 -29.36
N GLU B 238 24.38 -5.56 -29.96
CA GLU B 238 24.68 -7.01 -29.98
C GLU B 238 26.13 -7.38 -29.66
N ALA B 239 26.33 -8.64 -29.25
CA ALA B 239 27.65 -9.22 -29.06
C ALA B 239 27.61 -10.76 -29.14
N TRP B 240 28.63 -11.34 -29.78
CA TRP B 240 28.78 -12.80 -29.84
C TRP B 240 29.91 -13.23 -28.92
N GLY B 241 29.79 -14.43 -28.34
CA GLY B 241 30.88 -15.03 -27.54
C GLY B 241 32.24 -15.04 -28.25
N ARG B 242 33.30 -15.12 -27.44
N ARG B 242 33.30 -15.12 -27.45
CA ARG B 242 34.65 -15.15 -27.97
CA ARG B 242 34.67 -15.12 -27.98
C ARG B 242 35.49 -16.17 -27.21
C ARG B 242 35.55 -16.12 -27.24
N ALA B 243 35.93 -17.20 -27.93
CA ALA B 243 36.78 -18.25 -27.34
C ALA B 243 38.24 -17.81 -27.23
N GLU C 1 -38.07 13.75 26.94
CA GLU C 1 -36.88 13.60 27.82
C GLU C 1 -35.62 14.16 27.11
N ASP C 2 -34.54 14.36 27.85
CA ASP C 2 -33.31 14.92 27.30
C ASP C 2 -32.38 13.82 26.79
N LEU C 3 -32.14 13.75 25.49
CA LEU C 3 -31.13 12.82 24.96
C LEU C 3 -29.74 13.43 24.91
N HIS C 4 -28.71 12.60 25.00
CA HIS C 4 -27.33 13.04 24.89
C HIS C 4 -26.98 13.54 23.51
N ASP C 5 -26.08 14.53 23.45
CA ASP C 5 -25.73 15.12 22.15
C ASP C 5 -24.38 14.59 21.65
N LYS C 6 -24.29 14.33 20.35
CA LYS C 6 -23.01 13.89 19.76
C LYS C 6 -21.84 14.85 20.16
N SER C 7 -22.14 16.15 20.25
CA SER C 7 -21.12 17.16 20.53
C SER C 7 -20.47 16.95 21.88
N GLU C 8 -21.14 16.24 22.80
CA GLU C 8 -20.54 15.93 24.11
C GLU C 8 -19.39 14.91 24.03
N LEU C 9 -19.25 14.20 22.93
CA LEU C 9 -18.28 13.14 22.88
C LEU C 9 -16.95 13.60 22.26
N THR C 10 -15.85 13.15 22.84
CA THR C 10 -14.51 13.35 22.28
C THR C 10 -14.35 12.58 20.99
N ASP C 11 -13.46 13.07 20.13
CA ASP C 11 -13.19 12.44 18.83
C ASP C 11 -12.88 10.97 18.99
N LEU C 12 -12.12 10.62 20.03
CA LEU C 12 -11.82 9.25 20.33
C LEU C 12 -13.09 8.41 20.64
N ALA C 13 -13.94 8.89 21.54
CA ALA C 13 -15.14 8.14 21.94
C ALA C 13 -15.95 7.82 20.70
N LEU C 14 -16.06 8.81 19.83
CA LEU C 14 -16.77 8.70 18.58
C LEU C 14 -16.16 7.69 17.58
N ALA C 15 -14.84 7.78 17.37
CA ALA C 15 -14.17 6.79 16.51
C ALA C 15 -14.30 5.42 17.10
N ASN C 16 -14.17 5.33 18.43
CA ASN C 16 -14.33 4.06 19.14
C ASN C 16 -15.73 3.48 18.95
N ALA C 17 -16.76 4.31 19.05
CA ALA C 17 -18.13 3.84 18.82
C ALA C 17 -18.30 3.37 17.38
N TYR C 18 -17.79 4.15 16.42
CA TYR C 18 -17.77 3.73 15.03
C TYR C 18 -17.15 2.32 14.88
N GLY C 19 -15.94 2.19 15.39
CA GLY C 19 -15.19 0.94 15.37
C GLY C 19 -15.91 -0.25 16.02
N GLN C 20 -16.54 -0.03 17.18
CA GLN C 20 -17.26 -1.09 17.87
C GLN C 20 -18.45 -1.63 17.10
N TYR C 21 -19.27 -0.72 16.56
CA TYR C 21 -20.50 -1.12 15.89
C TYR C 21 -20.29 -1.59 14.44
N ASN C 22 -19.09 -1.34 13.89
CA ASN C 22 -18.79 -1.81 12.53
C ASN C 22 -18.02 -3.13 12.46
N HIS C 23 -17.39 -3.53 13.55
CA HIS C 23 -16.53 -4.72 13.52
C HIS C 23 -16.81 -5.67 14.66
N PRO C 24 -18.05 -6.18 14.78
CA PRO C 24 -18.32 -7.10 15.90
C PRO C 24 -17.61 -8.45 15.72
N PHE C 25 -17.44 -9.19 16.81
CA PHE C 25 -17.00 -10.58 16.72
C PHE C 25 -18.21 -11.53 16.66
N ILE C 26 -18.28 -12.30 15.57
CA ILE C 26 -19.37 -13.21 15.28
C ILE C 26 -18.77 -14.63 15.09
N LYS C 27 -19.21 -15.60 15.89
CA LYS C 27 -18.81 -16.99 15.71
C LYS C 27 -19.78 -17.98 16.37
N GLU C 28 -20.10 -19.03 15.63
CA GLU C 28 -21.01 -20.08 16.11
C GLU C 28 -20.30 -21.38 16.50
N ASN C 29 -20.89 -22.07 17.49
CA ASN C 29 -20.49 -23.43 17.88
C ASN C 29 -19.07 -23.54 18.46
N ILE C 30 -18.83 -22.84 19.56
CA ILE C 30 -17.57 -22.95 20.29
C ILE C 30 -17.83 -23.20 21.77
N LYS C 31 -16.79 -23.58 22.53
CA LYS C 31 -16.97 -24.05 23.90
C LYS C 31 -15.79 -23.69 24.80
N SER C 32 -16.07 -23.28 26.03
CA SER C 32 -15.02 -22.98 26.99
C SER C 32 -15.22 -23.75 28.27
N ASP C 33 -14.16 -24.40 28.73
CA ASP C 33 -14.16 -25.13 30.00
C ASP C 33 -13.22 -24.43 30.98
N GLU C 34 -12.96 -23.14 30.75
CA GLU C 34 -12.04 -22.38 31.58
C GLU C 34 -12.62 -21.04 32.04
N ILE C 35 -12.60 -20.82 33.35
CA ILE C 35 -13.08 -19.57 33.94
C ILE C 35 -11.89 -18.77 34.41
N SER C 36 -11.85 -17.49 34.03
CA SER C 36 -10.87 -16.59 34.59
C SER C 36 -11.55 -15.59 35.51
N GLY C 37 -11.01 -15.48 36.73
CA GLY C 37 -11.44 -14.46 37.68
C GLY C 37 -12.94 -14.45 37.94
N GLU C 38 -13.51 -15.65 38.09
CA GLU C 38 -14.91 -15.82 38.47
C GLU C 38 -15.94 -15.49 37.36
N LYS C 39 -15.72 -14.38 36.66
N LYS C 39 -15.70 -14.40 36.64
CA LYS C 39 -16.69 -13.80 35.72
CA LYS C 39 -16.70 -13.81 35.75
C LYS C 39 -16.51 -14.19 34.25
C LYS C 39 -16.37 -13.80 34.25
N ASP C 40 -15.25 -14.40 33.86
CA ASP C 40 -14.89 -14.51 32.43
C ASP C 40 -14.78 -15.95 31.92
N LEU C 41 -15.18 -16.15 30.67
CA LEU C 41 -14.92 -17.41 29.95
C LEU C 41 -13.79 -17.18 28.94
N ILE C 42 -12.86 -18.13 28.86
CA ILE C 42 -11.69 -18.03 27.96
C ILE C 42 -11.82 -19.05 26.82
N PHE C 43 -11.73 -18.57 25.58
CA PHE C 43 -11.72 -19.43 24.40
C PHE C 43 -10.37 -19.23 23.69
N ARG C 44 -9.42 -20.12 23.98
CA ARG C 44 -8.07 -19.97 23.45
C ARG C 44 -8.02 -20.16 21.94
N ASN C 45 -7.33 -19.22 21.30
CA ASN C 45 -7.13 -19.20 19.84
C ASN C 45 -8.42 -19.22 19.03
N GLN C 46 -9.52 -18.76 19.64
CA GLN C 46 -10.81 -18.74 18.96
C GLN C 46 -11.14 -17.36 18.37
N GLY C 47 -10.52 -16.32 18.93
CA GLY C 47 -10.72 -14.94 18.47
C GLY C 47 -10.27 -14.69 17.04
N ASP C 48 -10.43 -13.43 16.57
CA ASP C 48 -9.96 -13.01 15.25
C ASP C 48 -8.46 -13.36 15.10
N SER C 49 -8.06 -13.79 13.92
CA SER C 49 -6.64 -14.12 13.64
C SER C 49 -6.01 -15.11 14.62
N GLY C 50 -6.81 -15.95 15.26
CA GLY C 50 -6.29 -16.89 16.25
C GLY C 50 -5.91 -16.28 17.58
N ASN C 51 -6.37 -15.06 17.84
CA ASN C 51 -6.19 -14.46 19.18
C ASN C 51 -6.96 -15.26 20.23
N ASP C 52 -6.58 -15.10 21.49
CA ASP C 52 -7.34 -15.61 22.63
C ASP C 52 -8.57 -14.70 22.81
N LEU C 53 -9.74 -15.32 23.01
CA LEU C 53 -10.97 -14.57 23.27
C LEU C 53 -11.42 -14.67 24.74
N ARG C 54 -11.51 -13.52 25.39
CA ARG C 54 -12.04 -13.43 26.74
C ARG C 54 -13.47 -12.83 26.73
N VAL C 55 -14.45 -13.64 27.14
CA VAL C 55 -15.83 -13.17 27.24
C VAL C 55 -16.16 -12.81 28.68
N LYS C 56 -16.42 -11.53 28.93
CA LYS C 56 -16.68 -11.06 30.28
C LYS C 56 -18.19 -11.03 30.60
N PHE C 57 -18.54 -11.44 31.83
CA PHE C 57 -19.94 -11.41 32.29
C PHE C 57 -20.05 -10.58 33.56
N ALA C 58 -21.28 -10.14 33.88
CA ALA C 58 -21.52 -9.36 35.10
C ALA C 58 -21.32 -10.17 36.38
N THR C 59 -21.53 -11.48 36.31
CA THR C 59 -21.56 -12.33 37.50
C THR C 59 -20.97 -13.72 37.28
N ALA C 60 -20.58 -14.34 38.39
CA ALA C 60 -20.17 -15.74 38.42
C ALA C 60 -21.21 -16.67 37.81
N ASP C 61 -22.47 -16.44 38.19
CA ASP C 61 -23.61 -17.23 37.67
C ASP C 61 -23.63 -17.34 36.15
N LEU C 62 -23.40 -16.22 35.48
CA LEU C 62 -23.46 -16.19 34.02
C LEU C 62 -22.33 -17.00 33.44
N ALA C 63 -21.12 -16.73 33.93
CA ALA C 63 -19.93 -17.48 33.53
C ALA C 63 -20.15 -18.98 33.72
N GLN C 64 -20.69 -19.35 34.88
CA GLN C 64 -20.95 -20.76 35.19
C GLN C 64 -22.00 -21.37 34.27
N LYS C 65 -23.06 -20.62 34.02
CA LYS C 65 -24.16 -21.03 33.13
C LYS C 65 -23.68 -21.46 31.75
N PHE C 66 -22.68 -20.79 31.19
CA PHE C 66 -22.24 -21.13 29.84
C PHE C 66 -20.95 -21.98 29.79
N LYS C 67 -20.29 -22.15 30.94
CA LYS C 67 -19.14 -23.06 31.03
C LYS C 67 -19.51 -24.45 30.51
N ASN C 68 -18.71 -24.93 29.57
CA ASN C 68 -18.87 -26.27 28.98
C ASN C 68 -20.05 -26.48 28.06
N LYS C 69 -20.57 -25.41 27.49
CA LYS C 69 -21.66 -25.53 26.52
C LYS C 69 -21.22 -25.13 25.11
N ASN C 70 -21.84 -25.70 24.09
CA ASN C 70 -21.73 -25.22 22.72
C ASN C 70 -22.46 -23.87 22.56
N VAL C 71 -21.71 -22.76 22.60
CA VAL C 71 -22.28 -21.41 22.51
C VAL C 71 -22.07 -20.72 21.15
N ASP C 72 -22.93 -19.74 20.86
CA ASP C 72 -22.77 -18.80 19.75
C ASP C 72 -22.44 -17.43 20.34
N ILE C 73 -21.60 -16.67 19.62
CA ILE C 73 -21.10 -15.39 20.10
C ILE C 73 -21.43 -14.30 19.07
N TYR C 74 -21.93 -13.18 19.57
CA TYR C 74 -22.18 -12.00 18.76
C TYR C 74 -22.05 -10.80 19.67
N GLY C 75 -20.93 -10.09 19.54
CA GLY C 75 -20.59 -9.08 20.52
C GLY C 75 -19.57 -8.12 20.00
N ALA C 76 -19.56 -6.92 20.60
CA ALA C 76 -18.56 -5.90 20.33
C ALA C 76 -17.18 -6.28 20.92
N SER C 77 -16.19 -6.45 20.06
CA SER C 77 -14.85 -6.87 20.48
C SER C 77 -13.84 -5.72 20.47
N PHE C 78 -12.96 -5.70 21.48
CA PHE C 78 -11.97 -4.65 21.68
C PHE C 78 -10.59 -5.18 22.13
N TYR C 79 -9.58 -4.32 22.08
CA TYR C 79 -8.22 -4.74 22.43
C TYR C 79 -7.59 -4.03 23.61
N TYR C 80 -7.74 -2.72 23.68
CA TYR C 80 -7.11 -1.94 24.75
C TYR C 80 -7.75 -2.25 26.11
N LYS C 81 -6.89 -2.58 27.08
CA LYS C 81 -7.27 -3.05 28.43
C LYS C 81 -7.92 -4.44 28.45
N CYS C 82 -7.65 -5.24 27.43
CA CYS C 82 -8.07 -6.63 27.45
C CYS C 82 -6.96 -7.46 28.10
N GLU C 83 -7.18 -7.80 29.37
N GLU C 83 -7.16 -7.79 29.38
CA GLU C 83 -6.26 -8.60 30.17
CA GLU C 83 -6.18 -8.55 30.17
C GLU C 83 -5.87 -9.91 29.47
C GLU C 83 -5.86 -9.90 29.50
N LYS C 84 -4.57 -10.13 29.30
CA LYS C 84 -4.06 -11.35 28.66
C LYS C 84 -4.30 -12.57 29.53
N ILE C 85 -4.49 -13.73 28.90
CA ILE C 85 -4.46 -14.99 29.65
C ILE C 85 -3.15 -15.76 29.47
N SER C 86 -2.67 -15.86 28.23
CA SER C 86 -1.38 -16.50 27.94
C SER C 86 -0.36 -15.45 27.47
N GLU C 87 0.44 -15.78 26.46
CA GLU C 87 1.42 -14.87 25.87
C GLU C 87 0.87 -14.32 24.56
N ASN C 88 -0.07 -15.07 23.99
CA ASN C 88 -0.83 -14.70 22.80
C ASN C 88 -1.59 -13.38 23.03
N ILE C 89 -1.89 -12.67 21.95
CA ILE C 89 -2.72 -11.45 22.01
C ILE C 89 -4.17 -11.78 22.41
N SER C 90 -4.71 -11.00 23.36
CA SER C 90 -6.05 -11.24 23.89
C SER C 90 -7.08 -10.26 23.34
N GLU C 91 -8.26 -10.80 23.05
CA GLU C 91 -9.38 -10.07 22.45
C GLU C 91 -10.61 -10.27 23.32
N CYS C 92 -11.31 -9.18 23.61
CA CYS C 92 -12.37 -9.15 24.62
C CYS C 92 -13.74 -8.75 24.06
N LEU C 93 -14.78 -9.20 24.75
CA LEU C 93 -16.14 -8.71 24.56
C LEU C 93 -16.93 -9.00 25.83
N TYR C 94 -18.04 -8.29 26.00
CA TYR C 94 -18.92 -8.53 27.14
C TYR C 94 -20.17 -9.25 26.64
N GLY C 95 -20.67 -10.21 27.41
CA GLY C 95 -21.92 -10.89 27.03
C GLY C 95 -21.90 -11.55 25.68
N GLY C 96 -22.90 -11.25 24.86
CA GLY C 96 -23.00 -11.73 23.49
C GLY C 96 -23.19 -13.23 23.32
N THR C 97 -23.52 -13.93 24.41
CA THR C 97 -23.46 -15.41 24.40
C THR C 97 -24.82 -16.13 24.50
N THR C 98 -25.13 -16.95 23.49
CA THR C 98 -26.30 -17.81 23.49
C THR C 98 -25.95 -19.29 23.18
N LEU C 99 -26.88 -20.20 23.50
CA LEU C 99 -26.76 -21.62 23.23
C LEU C 99 -26.90 -21.92 21.75
N ASN C 100 -25.95 -22.70 21.24
CA ASN C 100 -25.87 -23.05 19.82
C ASN C 100 -27.05 -23.86 19.27
N SER C 101 -27.63 -24.71 20.13
CA SER C 101 -28.72 -25.61 19.72
C SER C 101 -30.05 -24.92 19.47
N GLU C 102 -30.31 -23.82 20.20
CA GLU C 102 -31.59 -23.10 20.08
C GLU C 102 -31.69 -22.26 18.79
N LYS C 103 -32.20 -22.87 17.72
CA LYS C 103 -32.20 -22.30 16.38
C LYS C 103 -33.58 -22.34 15.73
N LEU C 104 -33.80 -21.48 14.73
CA LEU C 104 -35.01 -21.52 13.92
C LEU C 104 -34.62 -21.98 12.51
N ALA C 105 -35.59 -22.47 11.74
CA ALA C 105 -35.29 -22.99 10.39
C ALA C 105 -34.99 -21.84 9.45
N GLN C 106 -35.85 -20.82 9.47
N GLN C 106 -35.85 -20.83 9.48
CA GLN C 106 -35.65 -19.59 8.71
CA GLN C 106 -35.67 -19.59 8.75
C GLN C 106 -35.49 -18.38 9.64
C GLN C 106 -35.26 -18.46 9.73
N GLU C 107 -34.77 -17.37 9.17
CA GLU C 107 -34.48 -16.17 9.96
C GLU C 107 -35.77 -15.48 10.33
N ARG C 108 -35.91 -15.11 11.60
CA ARG C 108 -36.97 -14.18 12.01
C ARG C 108 -36.61 -12.78 11.51
N VAL C 109 -37.59 -12.09 10.93
CA VAL C 109 -37.40 -10.73 10.43
C VAL C 109 -38.05 -9.70 11.40
N ILE C 110 -37.26 -8.73 11.85
CA ILE C 110 -37.74 -7.68 12.76
C ILE C 110 -37.65 -6.35 12.06
N GLY C 111 -38.78 -5.63 12.02
CA GLY C 111 -38.85 -4.34 11.35
C GLY C 111 -38.35 -3.25 12.29
N ALA C 112 -37.69 -2.25 11.71
CA ALA C 112 -37.19 -1.11 12.46
C ALA C 112 -37.67 0.14 11.75
N ASN C 113 -38.70 0.78 12.29
CA ASN C 113 -39.20 2.04 11.75
C ASN C 113 -38.16 3.12 12.04
N VAL C 114 -37.96 4.03 11.10
CA VAL C 114 -36.97 5.10 11.26
C VAL C 114 -37.65 6.43 11.01
N TRP C 115 -37.34 7.39 11.87
CA TRP C 115 -37.69 8.79 11.67
C TRP C 115 -36.42 9.63 11.81
N VAL C 116 -36.30 10.68 10.96
CA VAL C 116 -35.26 11.69 11.11
C VAL C 116 -35.90 13.06 11.28
N ASP C 117 -35.65 13.74 12.39
CA ASP C 117 -36.33 15.02 12.65
C ASP C 117 -37.84 14.87 12.52
N GLY C 118 -38.39 13.75 13.02
CA GLY C 118 -39.84 13.54 13.02
C GLY C 118 -40.48 13.17 11.70
N ILE C 119 -39.67 13.03 10.66
CA ILE C 119 -40.14 12.63 9.33
C ILE C 119 -39.87 11.14 9.10
N GLN C 120 -40.92 10.36 8.85
CA GLN C 120 -40.73 8.92 8.65
C GLN C 120 -39.93 8.64 7.38
N LYS C 121 -38.89 7.82 7.55
CA LYS C 121 -38.04 7.36 6.44
C LYS C 121 -38.33 5.89 6.14
N GLU C 122 -37.48 5.25 5.35
CA GLU C 122 -37.66 3.84 4.99
C GLU C 122 -37.51 2.94 6.21
N THR C 123 -38.43 1.96 6.32
CA THR C 123 -38.35 0.93 7.34
C THR C 123 -37.16 0.01 7.05
N GLU C 124 -36.36 -0.27 8.08
CA GLU C 124 -35.20 -1.12 7.94
C GLU C 124 -35.57 -2.51 8.48
N LEU C 125 -34.74 -3.50 8.19
CA LEU C 125 -35.03 -4.88 8.64
C LEU C 125 -33.80 -5.49 9.26
N ILE C 126 -33.97 -6.14 10.39
CA ILE C 126 -32.87 -6.95 10.93
C ILE C 126 -33.35 -8.39 11.07
N ARG C 127 -32.42 -9.34 11.05
CA ARG C 127 -32.73 -10.78 10.94
C ARG C 127 -31.94 -11.59 11.94
N THR C 128 -32.53 -12.69 12.38
CA THR C 128 -31.86 -13.62 13.27
C THR C 128 -32.51 -15.00 13.19
N ASN C 129 -31.68 -16.03 13.33
CA ASN C 129 -32.21 -17.40 13.31
C ASN C 129 -32.07 -18.02 14.70
N LYS C 130 -31.85 -17.16 15.71
CA LYS C 130 -31.72 -17.59 17.08
C LYS C 130 -33.07 -17.47 17.80
N LYS C 131 -33.52 -18.55 18.45
CA LYS C 131 -34.80 -18.53 19.20
C LYS C 131 -34.66 -17.52 20.34
N ASN C 132 -33.49 -17.50 20.95
CA ASN C 132 -33.11 -16.59 22.00
C ASN C 132 -31.87 -15.77 21.58
N VAL C 133 -32.01 -14.44 21.56
CA VAL C 133 -30.98 -13.55 20.97
C VAL C 133 -30.55 -12.50 21.99
N THR C 134 -29.27 -12.18 22.06
CA THR C 134 -28.88 -11.10 22.92
C THR C 134 -29.39 -9.76 22.37
N LEU C 135 -29.72 -8.90 23.31
CA LEU C 135 -30.04 -7.49 23.04
C LEU C 135 -28.86 -6.79 22.34
N GLN C 136 -27.65 -7.09 22.81
CA GLN C 136 -26.43 -6.64 22.15
C GLN C 136 -26.36 -6.96 20.65
N GLU C 137 -26.69 -8.18 20.24
CA GLU C 137 -26.65 -8.51 18.83
C GLU C 137 -27.61 -7.65 18.02
N LEU C 138 -28.82 -7.46 18.53
CA LEU C 138 -29.81 -6.71 17.78
C LEU C 138 -29.41 -5.22 17.73
N ASP C 139 -28.88 -4.72 18.84
CA ASP C 139 -28.42 -3.34 18.93
C ASP C 139 -27.28 -3.05 17.92
N ILE C 140 -26.29 -3.94 17.89
CA ILE C 140 -25.19 -3.81 16.89
C ILE C 140 -25.76 -3.80 15.47
N LYS C 141 -26.64 -4.76 15.16
CA LYS C 141 -27.25 -4.81 13.85
C LYS C 141 -27.98 -3.51 13.45
N ILE C 142 -28.74 -2.94 14.38
CA ILE C 142 -29.41 -1.65 14.13
C ILE C 142 -28.39 -0.54 13.91
N ARG C 143 -27.43 -0.43 14.80
CA ARG C 143 -26.44 0.66 14.76
C ARG C 143 -25.57 0.57 13.49
N LYS C 144 -25.33 -0.67 13.03
CA LYS C 144 -24.56 -0.87 11.79
C LYS C 144 -25.32 -0.26 10.63
N ILE C 145 -26.63 -0.54 10.54
CA ILE C 145 -27.49 0.10 9.54
C ILE C 145 -27.48 1.63 9.65
N LEU C 146 -27.49 2.15 10.87
CA LEU C 146 -27.61 3.61 11.04
C LEU C 146 -26.27 4.26 10.71
N SER C 147 -25.18 3.59 11.07
CA SER C 147 -23.84 4.00 10.68
C SER C 147 -23.68 4.10 9.16
N ASP C 148 -23.98 3.00 8.47
CA ASP C 148 -23.95 2.93 7.01
C ASP C 148 -24.79 4.00 6.31
N LYS C 149 -26.05 4.13 6.73
CA LYS C 149 -26.98 4.99 6.02
C LYS C 149 -27.03 6.44 6.53
N TYR C 150 -26.90 6.64 7.84
CA TYR C 150 -27.10 7.99 8.39
C TYR C 150 -25.84 8.59 9.02
N LYS C 151 -24.78 7.79 9.09
CA LYS C 151 -23.46 8.26 9.51
C LYS C 151 -23.46 8.82 10.94
N ILE C 152 -24.14 8.10 11.82
CA ILE C 152 -24.30 8.47 13.22
C ILE C 152 -23.00 8.64 13.98
N TYR C 153 -21.97 7.87 13.62
CA TYR C 153 -20.71 7.99 14.33
C TYR C 153 -19.60 8.76 13.55
N TYR C 154 -20.00 9.48 12.52
N TYR C 154 -20.02 9.51 12.54
CA TYR C 154 -19.10 10.43 11.88
CA TYR C 154 -19.16 10.46 11.81
C TYR C 154 -19.28 11.82 12.47
C TYR C 154 -19.29 11.85 12.43
N LYS C 155 -18.18 12.39 12.97
CA LYS C 155 -18.16 13.71 13.62
C LYS C 155 -18.92 14.79 12.88
N ASP C 156 -18.72 14.86 11.58
CA ASP C 156 -19.22 15.96 10.78
C ASP C 156 -20.54 15.68 10.06
N SER C 157 -21.16 14.50 10.31
CA SER C 157 -22.51 14.27 9.81
C SER C 157 -23.50 15.14 10.58
N GLU C 158 -24.67 15.34 9.98
N GLU C 158 -24.66 15.38 9.99
CA GLU C 158 -25.70 16.21 10.55
CA GLU C 158 -25.66 16.24 10.63
C GLU C 158 -26.55 15.60 11.68
C GLU C 158 -26.28 15.64 11.89
N ILE C 159 -26.36 14.30 11.96
CA ILE C 159 -27.05 13.61 13.09
C ILE C 159 -26.37 13.95 14.41
N SER C 160 -27.16 14.45 15.35
CA SER C 160 -26.69 14.92 16.66
C SER C 160 -27.31 14.22 17.84
N LYS C 161 -28.51 13.66 17.63
CA LYS C 161 -29.17 12.91 18.70
C LYS C 161 -29.83 11.64 18.11
N GLY C 162 -29.95 10.59 18.91
CA GLY C 162 -30.67 9.39 18.42
C GLY C 162 -31.07 8.44 19.55
N LEU C 163 -32.21 7.77 19.38
CA LEU C 163 -32.78 6.89 20.38
C LEU C 163 -33.25 5.63 19.63
N ILE C 164 -32.80 4.47 20.10
CA ILE C 164 -33.31 3.20 19.56
C ILE C 164 -34.18 2.57 20.63
N GLU C 165 -35.42 2.27 20.29
CA GLU C 165 -36.38 1.70 21.23
C GLU C 165 -36.85 0.32 20.75
N PHE C 166 -36.78 -0.66 21.64
CA PHE C 166 -37.31 -2.00 21.34
C PHE C 166 -38.71 -2.08 21.94
N ASP C 167 -39.72 -2.03 21.08
CA ASP C 167 -41.13 -2.13 21.46
C ASP C 167 -41.43 -3.62 21.65
N MET C 168 -41.49 -4.05 22.91
CA MET C 168 -41.62 -5.45 23.25
C MET C 168 -43.08 -5.86 23.40
N LYS C 169 -43.36 -7.13 23.10
CA LYS C 169 -44.70 -7.68 23.36
C LYS C 169 -44.82 -7.90 24.86
N THR C 170 -43.71 -8.23 25.48
CA THR C 170 -43.67 -8.40 26.92
C THR C 170 -43.73 -7.00 27.61
N PRO C 171 -43.84 -6.94 28.95
CA PRO C 171 -44.18 -5.61 29.48
C PRO C 171 -42.98 -4.66 29.59
N ARG C 172 -41.79 -5.19 29.80
CA ARG C 172 -40.57 -4.36 29.85
C ARG C 172 -40.05 -4.06 28.44
N ASP C 173 -39.90 -2.78 28.11
CA ASP C 173 -39.27 -2.39 26.84
C ASP C 173 -37.81 -2.05 27.07
N TYR C 174 -37.04 -1.89 25.99
CA TYR C 174 -35.63 -1.51 26.09
C TYR C 174 -35.28 -0.38 25.14
N SER C 175 -34.29 0.43 25.51
CA SER C 175 -33.87 1.50 24.63
C SER C 175 -32.39 1.82 24.78
N PHE C 176 -31.86 2.48 23.76
CA PHE C 176 -30.46 2.91 23.76
C PHE C 176 -30.36 4.33 23.22
N ASP C 177 -29.75 5.20 24.02
CA ASP C 177 -29.38 6.54 23.52
C ASP C 177 -27.99 6.37 22.88
N ILE C 178 -27.91 6.54 21.57
CA ILE C 178 -26.69 6.23 20.77
C ILE C 178 -25.49 7.13 21.07
N TYR C 179 -25.72 8.26 21.73
CA TYR C 179 -24.63 9.17 22.10
C TYR C 179 -24.42 9.16 23.60
N ASP C 180 -25.09 8.27 24.33
CA ASP C 180 -24.81 8.13 25.76
C ASP C 180 -23.76 7.03 26.00
N LEU C 181 -22.52 7.30 25.61
CA LEU C 181 -21.47 6.30 25.73
C LEU C 181 -21.00 6.36 27.17
N LYS C 182 -20.72 5.22 27.78
CA LYS C 182 -20.38 5.25 29.21
C LYS C 182 -18.96 5.76 29.52
N GLY C 183 -18.09 5.74 28.50
CA GLY C 183 -16.77 6.35 28.57
C GLY C 183 -16.26 6.53 27.15
N GLU C 184 -14.98 6.87 27.02
CA GLU C 184 -14.44 7.09 25.68
C GLU C 184 -13.75 5.87 25.06
N ASN C 185 -13.31 4.91 25.89
CA ASN C 185 -12.64 3.70 25.42
C ASN C 185 -13.61 2.55 25.26
N ASP C 186 -13.27 1.60 24.39
CA ASP C 186 -14.07 0.41 24.13
C ASP C 186 -14.51 -0.32 25.40
N TYR C 187 -13.58 -0.60 26.31
CA TYR C 187 -13.91 -1.39 27.50
C TYR C 187 -15.00 -0.74 28.37
N GLU C 188 -15.13 0.59 28.27
CA GLU C 188 -16.17 1.36 28.93
C GLU C 188 -17.48 1.35 28.13
N ILE C 189 -17.38 1.65 26.83
CA ILE C 189 -18.52 1.65 25.92
C ILE C 189 -19.28 0.32 25.92
N ASP C 190 -18.54 -0.80 25.80
CA ASP C 190 -19.16 -2.09 25.60
C ASP C 190 -19.64 -2.73 26.92
N LYS C 191 -19.32 -2.12 28.05
CA LYS C 191 -19.64 -2.74 29.34
C LYS C 191 -21.15 -2.78 29.61
N ILE C 192 -21.93 -1.98 28.89
CA ILE C 192 -23.40 -2.00 29.04
C ILE C 192 -23.98 -3.34 28.69
N TYR C 193 -23.19 -4.20 28.04
CA TYR C 193 -23.67 -5.49 27.58
C TYR C 193 -23.29 -6.69 28.47
N GLU C 194 -22.64 -6.40 29.60
CA GLU C 194 -22.11 -7.42 30.50
C GLU C 194 -23.17 -8.26 31.22
N ASP C 195 -24.41 -7.79 31.27
CA ASP C 195 -25.50 -8.57 31.85
C ASP C 195 -25.94 -9.73 30.95
N ASN C 196 -25.46 -9.75 29.70
CA ASN C 196 -25.84 -10.80 28.74
C ASN C 196 -27.36 -10.89 28.44
N LYS C 197 -28.04 -9.75 28.60
CA LYS C 197 -29.50 -9.64 28.39
C LYS C 197 -29.92 -10.32 27.10
N THR C 198 -30.81 -11.30 27.24
CA THR C 198 -31.25 -12.15 26.14
C THR C 198 -32.77 -12.12 26.00
N LEU C 199 -33.26 -12.01 24.78
CA LEU C 199 -34.69 -11.94 24.51
C LEU C 199 -35.12 -13.13 23.66
N LYS C 200 -36.36 -13.59 23.87
CA LYS C 200 -37.00 -14.49 22.91
C LYS C 200 -37.24 -13.68 21.67
N SER C 201 -36.75 -14.15 20.55
CA SER C 201 -36.73 -13.35 19.35
C SER C 201 -38.15 -13.03 18.86
N ASP C 202 -39.12 -13.93 19.13
CA ASP C 202 -40.50 -13.59 18.77
C ASP C 202 -41.25 -12.68 19.76
N ASP C 203 -40.59 -12.28 20.86
CA ASP C 203 -41.21 -11.36 21.82
C ASP C 203 -41.07 -9.89 21.43
N ILE C 204 -40.27 -9.60 20.41
CA ILE C 204 -40.14 -8.23 19.93
C ILE C 204 -41.27 -7.87 18.95
N SER C 205 -42.00 -6.79 19.20
CA SER C 205 -42.96 -6.33 18.21
C SER C 205 -42.26 -5.69 17.02
N HIS C 206 -41.47 -4.64 17.27
CA HIS C 206 -40.70 -3.89 16.24
C HIS C 206 -39.69 -2.99 16.94
N ILE C 207 -38.86 -2.29 16.16
CA ILE C 207 -37.87 -1.36 16.69
C ILE C 207 -38.24 0.01 16.17
N ASP C 208 -38.19 1.03 17.03
CA ASP C 208 -38.39 2.41 16.60
C ASP C 208 -37.09 3.20 16.75
N VAL C 209 -36.63 3.80 15.67
CA VAL C 209 -35.42 4.61 15.69
C VAL C 209 -35.80 6.06 15.44
N ASN C 210 -35.43 6.93 16.37
CA ASN C 210 -35.59 8.37 16.13
C ASN C 210 -34.25 9.08 16.18
N LEU C 211 -33.88 9.67 15.05
CA LEU C 211 -32.66 10.46 14.92
C LEU C 211 -33.04 11.93 14.74
N TYR C 212 -32.12 12.80 15.13
CA TYR C 212 -32.33 14.23 15.01
C TYR C 212 -31.05 14.94 14.58
N THR C 213 -31.21 15.95 13.73
CA THR C 213 -30.09 16.76 13.27
C THR C 213 -29.88 17.95 14.20
N LYS C 214 -28.66 18.45 14.25
CA LYS C 214 -28.46 19.73 14.89
C LYS C 214 -27.60 20.52 13.92
N LYS C 215 -28.25 21.24 13.02
CA LYS C 215 -29.71 21.18 12.87
C LYS C 215 -30.10 21.30 11.40
#